data_4IA5
#
_entry.id   4IA5
#
_cell.length_a   168.750
_cell.length_b   78.970
_cell.length_c   108.770
_cell.angle_alpha   90.000
_cell.angle_beta   90.000
_cell.angle_gamma   90.000
#
_symmetry.space_group_name_H-M   'P 21 21 2'
#
loop_
_entity.id
_entity.type
_entity.pdbx_description
1 polymer 'Myosin-crossreactive antigen'
2 non-polymer '2-(N-MORPHOLINO)-ETHANESULFONIC ACID'
3 non-polymer 'POTASSIUM ION'
4 non-polymer (4S)-2-METHYL-2,4-PENTANEDIOL
5 non-polymer 'SODIUM ION'
6 non-polymer 'PHOSPHATE ION'
7 non-polymer GLYCEROL
8 water water
#
_entity_poly.entity_id   1
_entity_poly.type   'polypeptide(L)'
_entity_poly.pdbx_seq_one_letter_code
;(MSE)YYSNGNYEAFADPKKPAGVDKKSAYIIGSGLAGLSTAVFLVRDAQ(MSE)KGENIHILEELPVAGGSLDGADRPN
AGFVVRGGRE(MSE)ENHFECLWD(MSE)YRSIPSLEVPGASYLDEYYWLDKEDPNSSNCRLIYNRGDRLPSDGQYGLGK
CANEIVKLI(MSE)TPEKEIEGQTIEEFFSDEFFKTNFWTYWST(MSE)FAFEKWHSLAE(MSE)RRYA(MSE)RFIHHI
DGLPDFTALKFNKYNQYES(MSE)VKPLLAYLKDHGVQFEYDCHVKNVEVDHEGDSKIAKKIV(MSE)TQNGKDKEIDLT
HNDIVFVTNGSITESSTYGDQNTPAPITNAKGDSWKLWENLAKQDPAFGHPDVFCENLPERSWFVSATATLENKKLAPYF
ERLTKRSLYDGKVNTGGIITIVDSNWELSFTIHRQPHFKSQNPDQIVVWIYALYSDTEGNYIKKRIVDCTGKEIAEELLY
HLGVPESQISELASEEN(MSE)NTVPVY(MSE)PYITSYF(MSE)PRRDGDRPDVVPEGSINLAFIGNFAESPTRDTVFT
TEYSVRTA(MSE)EAVYTLLNVDRGVPEVFDSIYDIRQLLRA(MSE)YY(MSE)SDKKKLADQD(MSE)PLPEKLAVKTG
(MSE)RKIKKTWVEELLKEANLV
;
_entity_poly.pdbx_strand_id   A,B
#
loop_
_chem_comp.id
_chem_comp.type
_chem_comp.name
_chem_comp.formula
GOL non-polymer GLYCEROL 'C3 H8 O3'
K non-polymer 'POTASSIUM ION' 'K 1'
MES non-polymer '2-(N-MORPHOLINO)-ETHANESULFONIC ACID' 'C6 H13 N O4 S'
MPD non-polymer (4S)-2-METHYL-2,4-PENTANEDIOL 'C6 H14 O2'
NA non-polymer 'SODIUM ION' 'Na 1'
PO4 non-polymer 'PHOSPHATE ION' 'O4 P -3'
#
# COMPACT_ATOMS: atom_id res chain seq x y z
N MSE A 1 -1.07 -11.50 15.92
CA MSE A 1 -1.55 -10.92 14.67
C MSE A 1 -1.35 -9.40 14.66
O MSE A 1 -1.52 -8.73 15.68
CB MSE A 1 -3.02 -11.29 14.45
CG MSE A 1 -3.45 -11.28 13.00
SE MSE A 1 -4.99 -10.17 12.75
CE MSE A 1 -4.17 -8.61 12.07
N TYR A 2 -0.98 -8.85 13.50
CA TYR A 2 -0.80 -7.41 13.38
C TYR A 2 -1.24 -6.86 12.03
N TYR A 3 -1.54 -5.57 11.98
CA TYR A 3 -1.95 -4.93 10.73
C TYR A 3 -0.81 -4.14 10.09
N SER A 4 -0.87 -3.95 8.77
CA SER A 4 0.20 -3.28 8.04
C SER A 4 -0.29 -2.61 6.77
N ASN A 5 0.61 -1.89 6.11
CA ASN A 5 0.31 -1.34 4.80
C ASN A 5 1.59 -1.28 3.99
N GLY A 6 1.52 -0.98 2.69
CA GLY A 6 2.73 -0.86 1.88
C GLY A 6 3.20 -2.15 1.24
N ASN A 7 4.12 -2.03 0.28
CA ASN A 7 4.59 -3.17 -0.52
C ASN A 7 5.45 -4.20 0.23
N TYR A 8 6.18 -3.74 1.23
CA TYR A 8 7.09 -4.63 1.97
C TYR A 8 6.31 -5.82 2.53
N GLU A 9 5.28 -5.53 3.32
CA GLU A 9 4.50 -6.58 3.94
C GLU A 9 3.62 -7.30 2.92
N ALA A 10 3.30 -6.62 1.83
CA ALA A 10 2.46 -7.20 0.78
C ALA A 10 3.16 -8.32 0.05
N PHE A 11 4.40 -8.04 -0.37
CA PHE A 11 5.21 -8.96 -1.16
C PHE A 11 5.92 -10.02 -0.33
N ALA A 12 5.95 -9.82 0.99
CA ALA A 12 6.67 -10.76 1.86
C ALA A 12 5.88 -12.04 2.04
N ASP A 13 6.60 -13.16 1.99
CA ASP A 13 6.03 -14.48 2.28
C ASP A 13 6.31 -14.83 3.74
N PRO A 14 5.27 -15.29 4.45
CA PRO A 14 5.42 -15.63 5.87
C PRO A 14 6.20 -16.92 6.06
N LYS A 15 6.82 -17.07 7.22
CA LYS A 15 7.46 -18.32 7.62
C LYS A 15 6.38 -19.36 7.87
N LYS A 16 6.71 -20.63 7.69
CA LYS A 16 5.81 -21.70 8.12
C LYS A 16 5.68 -21.61 9.64
N PRO A 17 4.46 -21.37 10.14
CA PRO A 17 4.34 -21.22 11.60
C PRO A 17 4.51 -22.54 12.35
N ALA A 18 4.81 -22.45 13.64
CA ALA A 18 5.15 -23.63 14.43
C ALA A 18 3.99 -24.60 14.57
N GLY A 19 4.29 -25.89 14.41
CA GLY A 19 3.34 -26.95 14.68
C GLY A 19 2.02 -26.88 13.93
N VAL A 20 2.11 -26.77 12.62
CA VAL A 20 0.92 -26.66 11.79
C VAL A 20 0.51 -28.04 11.27
N ASP A 21 1.28 -29.05 11.66
CA ASP A 21 0.96 -30.41 11.29
C ASP A 21 0.16 -31.18 12.37
N LYS A 22 0.11 -30.65 13.58
CA LYS A 22 -0.64 -31.28 14.67
C LYS A 22 -2.02 -30.65 14.76
N LYS A 23 -2.36 -29.86 13.76
CA LYS A 23 -3.61 -29.10 13.74
C LYS A 23 -4.43 -29.37 12.50
N SER A 24 -5.75 -29.24 12.62
CA SER A 24 -6.65 -29.51 11.50
C SER A 24 -7.68 -28.41 11.31
N ALA A 25 -8.28 -28.37 10.12
CA ALA A 25 -9.25 -27.33 9.81
C ALA A 25 -10.59 -27.88 9.34
N TYR A 26 -11.65 -27.44 10.02
CA TYR A 26 -13.02 -27.69 9.62
C TYR A 26 -13.74 -26.38 9.32
N ILE A 27 -14.05 -26.18 8.05
CA ILE A 27 -14.68 -24.95 7.58
C ILE A 27 -16.17 -25.18 7.34
N ILE A 28 -17.00 -24.55 8.16
CA ILE A 28 -18.46 -24.71 8.05
C ILE A 28 -19.04 -23.63 7.12
N GLY A 29 -19.37 -24.04 5.90
CA GLY A 29 -19.82 -23.12 4.86
C GLY A 29 -18.80 -23.10 3.73
N SER A 30 -19.26 -23.30 2.49
CA SER A 30 -18.36 -23.26 1.32
C SER A 30 -18.46 -21.97 0.53
N GLY A 31 -19.05 -20.94 1.16
CA GLY A 31 -19.13 -19.60 0.59
C GLY A 31 -17.76 -18.95 0.48
N LEU A 32 -17.70 -17.71 0.00
CA LEU A 32 -16.41 -17.07 -0.26
C LEU A 32 -15.51 -17.03 0.98
N ALA A 33 -16.10 -16.80 2.15
CA ALA A 33 -15.32 -16.74 3.39
C ALA A 33 -14.61 -18.05 3.65
N GLY A 34 -15.35 -19.14 3.47
CA GLY A 34 -14.81 -20.46 3.71
C GLY A 34 -13.69 -20.82 2.78
N LEU A 35 -13.96 -20.65 1.49
CA LEU A 35 -12.99 -20.95 0.44
C LEU A 35 -11.73 -20.13 0.69
N SER A 36 -11.90 -18.86 1.07
CA SER A 36 -10.78 -17.96 1.36
C SER A 36 -9.96 -18.45 2.55
N THR A 37 -10.67 -18.90 3.58
CA THR A 37 -10.05 -19.43 4.79
C THR A 37 -9.16 -20.61 4.42
N ALA A 38 -9.71 -21.47 3.55
CA ALA A 38 -8.96 -22.62 3.06
C ALA A 38 -7.72 -22.18 2.27
N VAL A 39 -7.89 -21.14 1.46
CA VAL A 39 -6.79 -20.63 0.64
C VAL A 39 -5.64 -20.08 1.47
N PHE A 40 -5.97 -19.33 2.51
CA PHE A 40 -4.97 -18.81 3.42
C PHE A 40 -4.32 -19.93 4.22
N LEU A 41 -5.10 -20.92 4.62
CA LEU A 41 -4.53 -22.08 5.33
C LEU A 41 -3.49 -22.79 4.46
N VAL A 42 -3.86 -23.05 3.21
CA VAL A 42 -2.96 -23.71 2.27
C VAL A 42 -1.71 -22.88 1.95
N ARG A 43 -1.91 -21.61 1.60
CA ARG A 43 -0.83 -20.77 1.13
C ARG A 43 0.08 -20.26 2.24
N ASP A 44 -0.51 -19.71 3.29
CA ASP A 44 0.24 -18.99 4.33
C ASP A 44 0.55 -19.80 5.59
N ALA A 45 -0.48 -20.45 6.15
CA ALA A 45 -0.31 -21.29 7.33
C ALA A 45 0.41 -22.57 6.93
N GLN A 46 0.29 -22.86 5.64
CA GLN A 46 0.87 -24.05 5.01
C GLN A 46 0.35 -25.33 5.65
N MSE A 47 -0.92 -25.31 6.03
CA MSE A 47 -1.60 -26.51 6.49
C MSE A 47 -1.72 -27.43 5.32
O MSE A 47 -1.93 -26.98 4.19
CB MSE A 47 -2.98 -26.18 7.05
CG MSE A 47 -3.75 -27.40 7.51
SE MSE A 47 -5.26 -26.89 8.61
CE MSE A 47 -4.30 -26.58 10.29
N LYS A 48 -1.52 -28.71 5.54
CA LYS A 48 -1.58 -29.67 4.46
C LYS A 48 -3.02 -29.80 3.95
N GLY A 49 -3.17 -29.89 2.63
CA GLY A 49 -4.47 -29.84 1.99
C GLY A 49 -5.49 -30.87 2.45
N GLU A 50 -5.08 -32.13 2.50
CA GLU A 50 -5.95 -33.22 2.97
C GLU A 50 -6.32 -33.08 4.45
N ASN A 51 -5.76 -32.07 5.11
CA ASN A 51 -6.12 -31.82 6.49
C ASN A 51 -7.13 -30.69 6.58
N ILE A 52 -7.50 -30.15 5.42
CA ILE A 52 -8.54 -29.14 5.35
C ILE A 52 -9.85 -29.78 4.87
N HIS A 53 -10.89 -29.67 5.69
CA HIS A 53 -12.19 -30.21 5.33
C HIS A 53 -13.26 -29.11 5.30
N ILE A 54 -13.77 -28.83 4.11
CA ILE A 54 -14.84 -27.87 3.93
C ILE A 54 -16.17 -28.62 3.90
N LEU A 55 -17.02 -28.38 4.90
CA LEU A 55 -18.29 -29.10 4.97
C LEU A 55 -19.34 -28.33 4.17
N GLU A 56 -19.59 -28.76 2.93
CA GLU A 56 -20.58 -28.07 2.10
C GLU A 56 -21.97 -28.63 2.37
N GLU A 57 -22.98 -27.81 2.12
CA GLU A 57 -24.35 -28.12 2.48
C GLU A 57 -25.07 -28.69 1.28
N LEU A 58 -24.32 -28.91 0.20
CA LEU A 58 -24.92 -29.24 -1.09
C LEU A 58 -24.36 -30.54 -1.68
N PRO A 59 -25.19 -31.29 -2.41
CA PRO A 59 -24.80 -32.53 -3.08
C PRO A 59 -23.75 -32.29 -4.15
N VAL A 60 -23.06 -33.35 -4.58
CA VAL A 60 -21.97 -33.24 -5.55
C VAL A 60 -22.44 -32.68 -6.88
N PHE A 75 -30.55 -17.51 -13.47
CA PHE A 75 -30.02 -18.04 -12.22
C PHE A 75 -29.50 -16.92 -11.32
N VAL A 76 -30.39 -16.39 -10.46
CA VAL A 76 -30.05 -15.32 -9.52
C VAL A 76 -29.04 -15.76 -8.46
N VAL A 77 -29.18 -17.01 -7.99
CA VAL A 77 -28.38 -17.53 -6.88
C VAL A 77 -26.90 -17.48 -7.21
N ARG A 78 -26.57 -17.54 -8.50
CA ARG A 78 -25.19 -17.45 -8.99
C ARG A 78 -24.66 -16.01 -9.01
N GLY A 79 -25.56 -15.04 -8.93
CA GLY A 79 -25.21 -13.62 -9.00
C GLY A 79 -24.32 -13.08 -7.90
N GLY A 80 -23.50 -12.10 -8.27
CA GLY A 80 -22.53 -11.52 -7.36
C GLY A 80 -22.35 -10.03 -7.59
N ARG A 81 -21.68 -9.38 -6.64
CA ARG A 81 -21.45 -7.94 -6.72
C ARG A 81 -20.15 -7.55 -7.42
N GLU A 82 -20.02 -6.25 -7.67
CA GLU A 82 -18.83 -5.63 -8.22
C GLU A 82 -17.75 -5.50 -7.15
N MSE A 83 -16.55 -5.07 -7.53
CA MSE A 83 -15.51 -4.72 -6.55
C MSE A 83 -14.89 -3.33 -6.83
O MSE A 83 -15.41 -2.58 -7.67
CB MSE A 83 -14.44 -5.81 -6.49
CG MSE A 83 -15.00 -7.21 -6.24
SE MSE A 83 -15.24 -8.36 -7.83
CE MSE A 83 -13.52 -9.27 -7.69
N GLU A 84 -13.80 -3.00 -6.13
CA GLU A 84 -13.03 -1.77 -6.40
C GLU A 84 -11.53 -2.05 -6.20
N ASN A 85 -10.68 -1.11 -6.61
CA ASN A 85 -9.24 -1.31 -6.50
C ASN A 85 -8.73 -1.61 -5.09
N HIS A 86 -9.34 -0.99 -4.08
CA HIS A 86 -8.83 -1.13 -2.72
C HIS A 86 -9.47 -2.25 -1.88
N PHE A 87 -9.81 -3.36 -2.55
CA PHE A 87 -10.08 -4.62 -1.86
C PHE A 87 -8.73 -5.26 -1.60
N GLU A 88 -8.02 -4.76 -0.59
CA GLU A 88 -6.61 -5.12 -0.38
C GLU A 88 -6.42 -6.61 -0.10
N CYS A 89 -7.23 -7.16 0.79
CA CYS A 89 -7.14 -8.57 1.14
C CYS A 89 -7.50 -9.44 -0.05
N LEU A 90 -8.60 -9.09 -0.72
CA LEU A 90 -9.10 -9.89 -1.83
C LEU A 90 -8.07 -9.96 -2.94
N TRP A 91 -7.40 -8.84 -3.22
CA TRP A 91 -6.36 -8.84 -4.23
C TRP A 91 -5.14 -9.61 -3.77
N ASP A 92 -4.82 -9.53 -2.48
CA ASP A 92 -3.78 -10.37 -1.91
C ASP A 92 -4.10 -11.85 -2.16
N MSE A 93 -5.37 -12.23 -2.10
CA MSE A 93 -5.71 -13.62 -2.32
C MSE A 93 -5.63 -14.01 -3.80
O MSE A 93 -4.92 -14.95 -4.18
CB MSE A 93 -7.09 -13.96 -1.76
CG MSE A 93 -7.47 -15.41 -1.96
SE MSE A 93 -9.18 -15.88 -1.18
CE MSE A 93 -10.29 -14.91 -2.43
N TYR A 94 -6.33 -13.25 -4.64
CA TYR A 94 -6.46 -13.61 -6.07
C TYR A 94 -5.19 -13.51 -6.93
N ARG A 95 -4.12 -12.90 -6.42
CA ARG A 95 -2.84 -12.93 -7.14
C ARG A 95 -2.16 -14.30 -7.02
N SER A 96 -2.51 -15.04 -5.98
CA SER A 96 -2.05 -16.42 -5.84
C SER A 96 -2.87 -17.46 -6.63
N ILE A 97 -4.02 -17.05 -7.15
CA ILE A 97 -4.95 -18.01 -7.78
C ILE A 97 -4.84 -17.97 -9.32
N PRO A 98 -4.58 -19.13 -9.93
CA PRO A 98 -4.42 -19.23 -11.38
C PRO A 98 -5.73 -18.96 -12.09
N SER A 99 -5.70 -18.22 -13.20
CA SER A 99 -6.91 -17.97 -13.96
C SER A 99 -7.26 -19.21 -14.77
N LEU A 100 -8.51 -19.30 -15.21
CA LEU A 100 -8.94 -20.41 -16.05
C LEU A 100 -9.15 -19.88 -17.47
N GLU A 101 -9.51 -18.61 -17.57
CA GLU A 101 -9.75 -17.97 -18.85
C GLU A 101 -8.45 -17.54 -19.50
N VAL A 102 -7.44 -17.27 -18.68
CA VAL A 102 -6.16 -16.78 -19.14
C VAL A 102 -5.05 -17.66 -18.60
N PRO A 103 -4.69 -18.71 -19.36
CA PRO A 103 -3.71 -19.72 -18.92
C PRO A 103 -2.36 -19.08 -18.62
N GLY A 104 -1.70 -19.54 -17.56
CA GLY A 104 -0.40 -19.00 -17.20
C GLY A 104 -0.43 -17.73 -16.37
N ALA A 105 -1.63 -17.19 -16.15
CA ALA A 105 -1.77 -15.95 -15.40
C ALA A 105 -2.60 -16.12 -14.13
N SER A 106 -2.51 -15.13 -13.22
CA SER A 106 -3.30 -15.18 -11.99
C SER A 106 -4.68 -14.60 -12.25
N TYR A 107 -5.66 -14.92 -11.38
CA TYR A 107 -6.98 -14.34 -11.57
C TYR A 107 -6.92 -12.82 -11.52
N LEU A 108 -6.09 -12.29 -10.63
CA LEU A 108 -5.94 -10.84 -10.53
C LEU A 108 -5.50 -10.28 -11.87
N ASP A 109 -4.55 -10.96 -12.54
CA ASP A 109 -4.08 -10.50 -13.84
C ASP A 109 -5.22 -10.44 -14.86
N GLU A 110 -6.04 -11.49 -14.91
CA GLU A 110 -7.19 -11.53 -15.83
C GLU A 110 -8.09 -10.33 -15.57
N TYR A 111 -8.40 -10.12 -14.29
CA TYR A 111 -9.29 -9.05 -13.87
C TYR A 111 -8.75 -7.68 -14.25
N TYR A 112 -7.46 -7.49 -13.98
CA TYR A 112 -6.75 -6.23 -14.19
C TYR A 112 -6.71 -5.89 -15.69
N TRP A 113 -6.32 -6.87 -16.51
CA TRP A 113 -6.26 -6.64 -17.96
C TRP A 113 -7.64 -6.35 -18.55
N LEU A 114 -8.65 -7.10 -18.07
CA LEU A 114 -10.02 -6.90 -18.53
C LEU A 114 -10.49 -5.52 -18.17
N ASP A 115 -10.23 -5.10 -16.93
CA ASP A 115 -10.60 -3.77 -16.48
C ASP A 115 -9.92 -2.68 -17.33
N LYS A 116 -8.68 -2.96 -17.76
CA LYS A 116 -7.98 -2.00 -18.63
C LYS A 116 -8.55 -1.89 -20.06
N GLU A 117 -8.82 -3.02 -20.71
CA GLU A 117 -9.35 -3.00 -22.09
C GLU A 117 -10.85 -2.64 -22.15
N ASP A 118 -11.61 -3.04 -21.13
CA ASP A 118 -13.03 -2.73 -21.08
C ASP A 118 -13.43 -2.06 -19.77
N PRO A 119 -13.00 -0.80 -19.59
CA PRO A 119 -13.23 -0.03 -18.36
C PRO A 119 -14.70 0.26 -18.10
N ASN A 120 -15.12 0.09 -16.86
CA ASN A 120 -16.51 0.29 -16.50
C ASN A 120 -16.87 1.76 -16.32
N SER A 121 -17.98 2.17 -16.92
CA SER A 121 -18.56 3.49 -16.68
C SER A 121 -20.03 3.48 -17.13
N SER A 122 -20.81 4.42 -16.62
CA SER A 122 -22.21 4.52 -16.97
C SER A 122 -22.52 5.83 -17.69
N ASN A 123 -23.18 5.73 -18.84
CA ASN A 123 -23.65 6.91 -19.55
C ASN A 123 -25.04 7.33 -19.09
N CYS A 124 -25.69 6.46 -18.33
CA CYS A 124 -27.04 6.75 -17.84
C CYS A 124 -27.33 6.04 -16.54
N ARG A 125 -27.33 6.80 -15.45
CA ARG A 125 -27.55 6.28 -14.11
C ARG A 125 -28.99 6.39 -13.62
N LEU A 126 -29.63 7.52 -13.93
CA LEU A 126 -30.98 7.78 -13.43
C LEU A 126 -31.95 8.13 -14.57
N ILE A 127 -33.05 7.40 -14.68
CA ILE A 127 -34.07 7.72 -15.66
C ILE A 127 -35.40 7.92 -14.98
N TYR A 128 -36.32 8.59 -15.67
CA TYR A 128 -37.67 8.80 -15.17
C TYR A 128 -38.60 9.09 -16.35
N ASN A 129 -39.88 9.29 -16.06
CA ASN A 129 -40.88 9.65 -17.07
C ASN A 129 -40.87 8.66 -18.23
N ARG A 130 -40.65 7.39 -17.88
CA ARG A 130 -40.62 6.29 -18.85
C ARG A 130 -39.58 6.44 -19.95
N GLY A 131 -38.32 6.54 -19.57
CA GLY A 131 -37.21 6.51 -20.51
C GLY A 131 -36.42 7.79 -20.68
N ASP A 132 -36.82 8.85 -19.99
CA ASP A 132 -36.05 10.08 -20.03
C ASP A 132 -34.95 10.09 -18.98
N ARG A 133 -33.75 10.46 -19.39
CA ARG A 133 -32.64 10.64 -18.46
C ARG A 133 -32.93 11.80 -17.54
N LEU A 134 -32.79 11.58 -16.23
CA LEU A 134 -33.02 12.65 -15.26
C LEU A 134 -32.09 13.82 -15.54
N PRO A 135 -32.65 15.04 -15.66
CA PRO A 135 -31.86 16.22 -16.00
C PRO A 135 -30.68 16.43 -15.06
N SER A 136 -30.83 16.08 -13.79
CA SER A 136 -29.77 16.28 -12.81
C SER A 136 -28.91 15.03 -12.60
N ASP A 137 -28.87 14.15 -13.59
CA ASP A 137 -28.04 12.95 -13.48
C ASP A 137 -26.58 13.37 -13.48
N GLY A 138 -25.83 12.94 -12.47
CA GLY A 138 -24.43 13.33 -12.34
C GLY A 138 -24.20 14.27 -11.18
N GLN A 139 -25.27 14.86 -10.68
CA GLN A 139 -25.20 15.75 -9.54
C GLN A 139 -25.51 14.97 -8.28
N TYR A 140 -24.75 15.21 -7.22
CA TYR A 140 -25.12 14.70 -5.91
C TYR A 140 -26.31 15.52 -5.41
N GLY A 141 -26.28 16.81 -5.74
CA GLY A 141 -27.34 17.73 -5.37
C GLY A 141 -27.58 17.80 -3.88
N LEU A 142 -26.49 17.70 -3.12
CA LEU A 142 -26.61 17.66 -1.68
C LEU A 142 -27.05 18.97 -1.05
N GLY A 143 -26.46 20.06 -1.53
CA GLY A 143 -26.60 21.35 -0.87
C GLY A 143 -26.06 21.31 0.54
N LYS A 144 -26.75 22.00 1.46
CA LYS A 144 -26.28 22.11 2.84
C LYS A 144 -26.29 20.75 3.52
N CYS A 145 -27.05 19.81 2.95
CA CYS A 145 -27.15 18.46 3.48
C CYS A 145 -25.79 17.79 3.52
N ALA A 146 -24.88 18.26 2.67
CA ALA A 146 -23.52 17.75 2.67
C ALA A 146 -22.91 17.80 4.08
N ASN A 147 -23.18 18.88 4.79
CA ASN A 147 -22.69 19.04 6.15
C ASN A 147 -23.08 17.89 7.06
N GLU A 148 -24.31 17.40 6.88
CA GLU A 148 -24.79 16.27 7.66
C GLU A 148 -23.85 15.08 7.52
N ILE A 149 -23.43 14.81 6.28
CA ILE A 149 -22.49 13.73 6.02
C ILE A 149 -21.22 13.96 6.84
N VAL A 150 -20.71 15.19 6.80
CA VAL A 150 -19.53 15.54 7.58
C VAL A 150 -19.83 15.33 9.06
N LYS A 151 -21.02 15.74 9.48
CA LYS A 151 -21.39 15.60 10.88
C LYS A 151 -21.36 14.13 11.24
N LEU A 152 -21.74 13.27 10.30
CA LEU A 152 -21.70 11.84 10.56
C LEU A 152 -20.26 11.34 10.72
N ILE A 153 -19.35 11.80 9.85
CA ILE A 153 -17.97 11.35 9.89
C ILE A 153 -17.32 11.77 11.19
N MSE A 154 -17.54 13.04 11.52
CA MSE A 154 -17.07 13.64 12.76
C MSE A 154 -17.72 13.02 13.99
O MSE A 154 -17.27 13.24 15.11
CB MSE A 154 -17.34 15.16 12.75
CG MSE A 154 -16.46 15.95 11.79
SE MSE A 154 -14.60 15.97 12.28
CE MSE A 154 -14.65 17.44 13.57
N THR A 155 -18.76 12.22 13.81
CA THR A 155 -19.43 11.59 14.95
C THR A 155 -18.83 10.22 15.24
N PRO A 156 -18.23 10.04 16.43
CA PRO A 156 -17.67 8.74 16.77
C PRO A 156 -18.71 7.63 16.69
N GLU A 157 -18.29 6.44 16.25
CA GLU A 157 -19.19 5.32 16.00
C GLU A 157 -19.92 4.89 17.25
N LYS A 158 -19.23 4.95 18.37
CA LYS A 158 -19.82 4.55 19.64
C LYS A 158 -21.03 5.41 19.93
N GLU A 159 -20.95 6.68 19.53
CA GLU A 159 -22.05 7.62 19.76
C GLU A 159 -23.28 7.36 18.88
N ILE A 160 -23.16 6.51 17.86
CA ILE A 160 -24.29 6.22 16.98
C ILE A 160 -24.64 4.74 16.99
N GLU A 161 -24.23 4.07 18.06
CA GLU A 161 -24.49 2.66 18.27
C GLU A 161 -25.99 2.36 18.17
N GLY A 162 -26.36 1.36 17.37
CA GLY A 162 -27.76 0.96 17.27
C GLY A 162 -28.66 1.93 16.54
N GLN A 163 -28.16 3.14 16.33
CA GLN A 163 -28.91 4.22 15.72
C GLN A 163 -29.25 3.88 14.26
N THR A 164 -30.28 4.54 13.74
CA THR A 164 -30.78 4.29 12.39
C THR A 164 -30.43 5.47 11.48
N ILE A 165 -30.35 5.22 10.17
CA ILE A 165 -30.03 6.27 9.20
C ILE A 165 -31.01 7.46 9.19
N GLU A 166 -32.32 7.18 9.20
CA GLU A 166 -33.34 8.24 9.15
C GLU A 166 -33.39 9.08 10.44
N GLU A 167 -32.86 8.53 11.53
CA GLU A 167 -32.80 9.25 12.81
C GLU A 167 -31.74 10.34 12.78
N PHE A 168 -30.76 10.21 11.87
CA PHE A 168 -29.66 11.18 11.75
C PHE A 168 -29.91 12.26 10.71
N PHE A 169 -30.48 11.86 9.58
CA PHE A 169 -30.51 12.73 8.41
C PHE A 169 -31.80 13.53 8.21
N SER A 170 -31.65 14.72 7.64
CA SER A 170 -32.77 15.60 7.35
C SER A 170 -33.63 15.00 6.23
N ASP A 171 -34.88 15.39 6.17
CA ASP A 171 -35.78 14.91 5.11
C ASP A 171 -35.32 15.43 3.75
N GLU A 172 -34.67 16.58 3.74
CA GLU A 172 -34.15 17.16 2.50
C GLU A 172 -33.03 16.30 1.93
N PHE A 173 -32.22 15.73 2.83
CA PHE A 173 -31.13 14.85 2.45
C PHE A 173 -31.63 13.64 1.68
N PHE A 174 -32.76 13.09 2.12
CA PHE A 174 -33.33 11.91 1.49
C PHE A 174 -33.91 12.16 0.10
N LYS A 175 -34.14 13.43 -0.25
CA LYS A 175 -34.60 13.76 -1.59
C LYS A 175 -33.45 14.06 -2.54
N THR A 176 -32.24 14.18 -1.98
CA THR A 176 -31.07 14.46 -2.79
C THR A 176 -30.76 13.32 -3.73
N ASN A 177 -30.07 13.62 -4.82
CA ASN A 177 -29.61 12.59 -5.75
C ASN A 177 -28.63 11.66 -5.03
N PHE A 178 -27.85 12.24 -4.11
CA PHE A 178 -26.88 11.47 -3.34
C PHE A 178 -27.54 10.29 -2.67
N TRP A 179 -28.66 10.51 -1.99
CA TRP A 179 -29.32 9.40 -1.35
C TRP A 179 -29.80 8.34 -2.35
N THR A 180 -30.27 8.77 -3.52
CA THR A 180 -30.74 7.83 -4.54
C THR A 180 -29.60 6.91 -5.01
N TYR A 181 -28.46 7.54 -5.32
CA TYR A 181 -27.25 6.81 -5.70
C TYR A 181 -26.83 5.84 -4.62
N TRP A 182 -26.68 6.38 -3.42
CA TRP A 182 -26.14 5.65 -2.27
C TRP A 182 -27.02 4.45 -1.95
N SER A 183 -28.29 4.71 -1.67
CA SER A 183 -29.24 3.67 -1.30
C SER A 183 -29.38 2.60 -2.39
N THR A 184 -29.54 3.01 -3.65
CA THR A 184 -29.74 2.00 -4.70
C THR A 184 -28.47 1.18 -5.01
N MSE A 185 -27.30 1.83 -5.03
CA MSE A 185 -26.07 1.11 -5.35
C MSE A 185 -25.58 0.21 -4.22
O MSE A 185 -24.92 -0.80 -4.47
CB MSE A 185 -24.96 2.08 -5.80
CG MSE A 185 -24.10 2.70 -4.69
SE MSE A 185 -22.98 4.19 -5.32
CE MSE A 185 -21.56 3.10 -6.10
N PHE A 186 -25.91 0.56 -2.97
CA PHE A 186 -25.39 -0.20 -1.83
C PHE A 186 -26.46 -1.02 -1.10
N ALA A 187 -27.71 -0.87 -1.52
CA ALA A 187 -28.85 -1.51 -0.85
C ALA A 187 -28.99 -1.05 0.60
N PHE A 188 -28.90 0.25 0.83
CA PHE A 188 -29.20 0.83 2.14
C PHE A 188 -30.67 1.23 2.21
N GLU A 189 -31.44 0.60 3.08
CA GLU A 189 -32.80 1.03 3.38
C GLU A 189 -32.71 2.10 4.48
N LYS A 190 -33.76 2.88 4.68
CA LYS A 190 -33.72 3.96 5.66
C LYS A 190 -33.59 3.47 7.09
N TRP A 191 -34.13 2.29 7.36
CA TRP A 191 -34.14 1.76 8.71
C TRP A 191 -32.87 1.01 9.04
N HIS A 192 -31.89 1.11 8.15
CA HIS A 192 -30.64 0.38 8.30
C HIS A 192 -29.61 1.05 9.22
N SER A 193 -28.50 0.35 9.45
CA SER A 193 -27.46 0.81 10.38
C SER A 193 -26.79 2.10 9.94
N LEU A 194 -26.92 3.13 10.77
CA LEU A 194 -26.24 4.41 10.55
C LEU A 194 -24.73 4.24 10.65
N ALA A 195 -24.28 3.40 11.57
CA ALA A 195 -22.85 3.15 11.76
C ALA A 195 -22.23 2.50 10.53
N GLU A 196 -22.95 1.55 9.94
CA GLU A 196 -22.50 0.90 8.71
C GLU A 196 -22.44 1.89 7.56
N MSE A 197 -23.41 2.79 7.49
CA MSE A 197 -23.39 3.82 6.47
C MSE A 197 -22.16 4.70 6.64
O MSE A 197 -21.46 5.01 5.67
CB MSE A 197 -24.65 4.68 6.51
CG MSE A 197 -24.53 5.96 5.68
SE MSE A 197 -26.22 6.59 5.02
CE MSE A 197 -25.61 8.08 3.94
N ARG A 198 -21.90 5.08 7.88
CA ARG A 198 -20.73 5.90 8.19
C ARG A 198 -19.46 5.18 7.75
N ARG A 199 -19.41 3.89 8.03
CA ARG A 199 -18.28 3.04 7.61
C ARG A 199 -18.12 3.02 6.09
N TYR A 200 -19.21 2.95 5.36
CA TYR A 200 -19.18 2.99 3.91
C TYR A 200 -18.65 4.34 3.44
N ALA A 201 -19.07 5.42 4.10
CA ALA A 201 -18.61 6.76 3.75
C ALA A 201 -17.10 6.90 3.93
N MSE A 202 -16.59 6.42 5.06
CA MSE A 202 -15.15 6.50 5.30
C MSE A 202 -14.37 5.59 4.38
O MSE A 202 -13.37 5.97 3.80
CB MSE A 202 -14.85 6.17 6.76
CG MSE A 202 -15.38 7.21 7.73
SE MSE A 202 -15.07 6.72 9.58
CE MSE A 202 -13.14 6.94 9.63
N ARG A 203 -14.84 4.35 4.25
CA ARG A 203 -14.15 3.32 3.48
C ARG A 203 -13.99 3.69 2.02
N PHE A 204 -15.05 4.18 1.40
CA PHE A 204 -15.02 4.44 -0.03
C PHE A 204 -14.91 5.92 -0.41
N ILE A 205 -14.38 6.72 0.52
CA ILE A 205 -14.24 8.16 0.30
C ILE A 205 -13.40 8.47 -0.93
N HIS A 206 -12.44 7.61 -1.22
CA HIS A 206 -11.56 7.77 -2.38
C HIS A 206 -12.27 7.58 -3.72
N HIS A 207 -13.53 7.17 -3.66
CA HIS A 207 -14.32 6.92 -4.87
C HIS A 207 -15.49 7.90 -5.05
N ILE A 208 -15.51 9.00 -4.29
CA ILE A 208 -16.61 9.98 -4.41
C ILE A 208 -16.65 10.65 -5.80
N ASP A 209 -15.51 10.64 -6.50
CA ASP A 209 -15.41 11.16 -7.86
C ASP A 209 -16.02 10.20 -8.88
N GLY A 210 -16.28 8.96 -8.47
CA GLY A 210 -16.73 7.93 -9.40
C GLY A 210 -17.99 7.15 -9.06
N LEU A 211 -18.80 7.65 -8.14
CA LEU A 211 -20.06 6.98 -7.78
C LEU A 211 -21.22 7.16 -8.79
N PRO A 212 -21.49 8.40 -9.25
CA PRO A 212 -22.61 8.59 -10.18
C PRO A 212 -22.40 7.88 -11.51
N ASP A 213 -21.18 7.92 -12.03
CA ASP A 213 -20.90 7.31 -13.32
C ASP A 213 -20.31 5.90 -13.20
N PHE A 214 -20.22 5.40 -11.97
CA PHE A 214 -19.77 4.03 -11.70
C PHE A 214 -18.36 3.75 -12.21
N THR A 215 -17.58 4.80 -12.40
CA THR A 215 -16.18 4.66 -12.81
C THR A 215 -15.33 4.06 -11.68
N ALA A 216 -15.87 4.12 -10.46
CA ALA A 216 -15.22 3.50 -9.30
C ALA A 216 -15.34 1.98 -9.32
N LEU A 217 -16.38 1.49 -10.01
CA LEU A 217 -16.66 0.06 -10.03
C LEU A 217 -15.76 -0.73 -10.97
N LYS A 218 -15.50 -1.98 -10.58
CA LYS A 218 -14.82 -2.96 -11.43
C LYS A 218 -15.62 -4.27 -11.37
N PHE A 219 -15.62 -5.05 -12.46
CA PHE A 219 -16.45 -6.25 -12.54
C PHE A 219 -15.69 -7.47 -13.05
N ASN A 220 -16.12 -8.66 -12.65
CA ASN A 220 -15.56 -9.89 -13.23
C ASN A 220 -16.00 -10.06 -14.67
N LYS A 221 -15.34 -10.96 -15.40
CA LYS A 221 -15.78 -11.26 -16.77
C LYS A 221 -17.20 -11.83 -16.71
N TYR A 222 -17.42 -12.76 -15.78
CA TYR A 222 -18.68 -13.48 -15.69
C TYR A 222 -19.33 -13.40 -14.31
N ASN A 223 -20.41 -14.16 -14.13
CA ASN A 223 -21.12 -14.23 -12.86
C ASN A 223 -20.20 -14.76 -11.76
N GLN A 224 -20.55 -14.48 -10.50
CA GLN A 224 -19.67 -14.74 -9.35
C GLN A 224 -19.18 -16.18 -9.23
N TYR A 225 -20.06 -17.14 -9.50
CA TYR A 225 -19.65 -18.54 -9.41
C TYR A 225 -18.59 -18.87 -10.45
N GLU A 226 -18.82 -18.43 -11.68
CA GLU A 226 -17.90 -18.72 -12.76
C GLU A 226 -16.52 -18.04 -12.62
N SER A 227 -16.54 -16.75 -12.31
CA SER A 227 -15.31 -15.96 -12.24
C SER A 227 -14.60 -15.98 -10.88
N MSE A 228 -15.35 -15.88 -9.79
CA MSE A 228 -14.74 -15.81 -8.46
C MSE A 228 -14.55 -17.17 -7.75
O MSE A 228 -13.55 -17.37 -7.06
CB MSE A 228 -15.51 -14.87 -7.55
CG MSE A 228 -15.55 -13.43 -8.03
SE MSE A 228 -16.36 -12.23 -6.73
CE MSE A 228 -14.91 -12.37 -5.42
N VAL A 229 -15.51 -18.07 -7.92
CA VAL A 229 -15.53 -19.31 -7.12
C VAL A 229 -14.79 -20.48 -7.77
N LYS A 230 -14.97 -20.66 -9.08
CA LYS A 230 -14.36 -21.77 -9.81
C LYS A 230 -12.82 -21.82 -9.78
N PRO A 231 -12.15 -20.68 -9.99
CA PRO A 231 -10.68 -20.74 -9.89
C PRO A 231 -10.24 -21.11 -8.48
N LEU A 232 -10.99 -20.64 -7.50
CA LEU A 232 -10.73 -20.98 -6.11
C LEU A 232 -10.85 -22.50 -5.94
N LEU A 233 -11.95 -23.07 -6.46
CA LEU A 233 -12.20 -24.50 -6.30
C LEU A 233 -11.10 -25.31 -6.95
N ALA A 234 -10.67 -24.87 -8.13
CA ALA A 234 -9.63 -25.58 -8.85
C ALA A 234 -8.34 -25.53 -8.06
N TYR A 235 -8.00 -24.35 -7.54
CA TYR A 235 -6.79 -24.18 -6.74
C TYR A 235 -6.83 -25.10 -5.53
N LEU A 236 -7.94 -25.03 -4.79
CA LEU A 236 -8.08 -25.78 -3.56
C LEU A 236 -8.02 -27.29 -3.77
N LYS A 237 -8.75 -27.80 -4.76
CA LYS A 237 -8.73 -29.23 -5.06
C LYS A 237 -7.34 -29.64 -5.55
N ASP A 238 -6.71 -28.75 -6.30
CA ASP A 238 -5.37 -28.96 -6.82
C ASP A 238 -4.36 -29.16 -5.69
N HIS A 239 -4.62 -28.50 -4.55
CA HIS A 239 -3.77 -28.65 -3.38
C HIS A 239 -4.35 -29.69 -2.43
N GLY A 240 -5.32 -30.45 -2.95
CA GLY A 240 -5.88 -31.58 -2.25
C GLY A 240 -6.67 -31.30 -0.99
N VAL A 241 -7.38 -30.18 -0.97
CA VAL A 241 -8.32 -29.93 0.12
C VAL A 241 -9.50 -30.89 -0.04
N GLN A 242 -10.12 -31.24 1.08
CA GLN A 242 -11.20 -32.21 1.07
C GLN A 242 -12.57 -31.56 1.22
N PHE A 243 -13.42 -31.77 0.23
CA PHE A 243 -14.77 -31.23 0.26
C PHE A 243 -15.68 -32.37 0.71
N GLU A 244 -16.45 -32.15 1.76
CA GLU A 244 -17.39 -33.18 2.21
C GLU A 244 -18.78 -32.65 1.91
N TYR A 245 -19.57 -33.40 1.15
CA TYR A 245 -20.83 -32.90 0.62
C TYR A 245 -22.08 -33.31 1.39
N ASP A 246 -23.16 -32.57 1.18
CA ASP A 246 -24.46 -32.84 1.81
C ASP A 246 -24.32 -32.82 3.32
N CYS A 247 -23.64 -31.80 3.83
CA CYS A 247 -23.38 -31.69 5.26
C CYS A 247 -24.31 -30.65 5.86
N HIS A 248 -24.93 -31.00 6.98
CA HIS A 248 -25.84 -30.08 7.62
C HIS A 248 -25.49 -29.97 9.09
N VAL A 249 -24.69 -28.95 9.41
CA VAL A 249 -24.22 -28.77 10.77
C VAL A 249 -25.36 -28.19 11.58
N LYS A 250 -25.58 -28.75 12.76
CA LYS A 250 -26.70 -28.36 13.60
C LYS A 250 -26.23 -27.56 14.79
N ASN A 251 -25.05 -27.90 15.28
CA ASN A 251 -24.48 -27.17 16.40
C ASN A 251 -23.00 -27.46 16.57
N VAL A 252 -22.31 -26.62 17.33
CA VAL A 252 -20.95 -26.90 17.73
C VAL A 252 -20.88 -26.61 19.22
N GLU A 253 -20.37 -27.58 19.96
CA GLU A 253 -20.37 -27.58 21.42
C GLU A 253 -19.01 -27.15 21.92
N VAL A 254 -19.08 -26.19 22.83
CA VAL A 254 -17.95 -25.43 23.33
C VAL A 254 -17.93 -25.38 24.86
N ASP A 255 -16.73 -25.39 25.44
CA ASP A 255 -16.54 -25.42 26.88
C ASP A 255 -16.03 -24.09 27.40
N HIS A 256 -16.32 -23.84 28.67
CA HIS A 256 -15.80 -22.69 29.37
C HIS A 256 -14.82 -23.15 30.44
N GLU A 257 -13.55 -22.82 30.27
CA GLU A 257 -12.51 -23.16 31.26
C GLU A 257 -11.81 -21.88 31.68
N GLY A 258 -12.00 -21.48 32.94
CA GLY A 258 -11.53 -20.17 33.36
C GLY A 258 -12.20 -19.13 32.48
N ASP A 259 -11.39 -18.26 31.88
CA ASP A 259 -11.94 -17.30 30.96
C ASP A 259 -11.91 -17.81 29.51
N SER A 260 -11.30 -18.99 29.32
CA SER A 260 -11.16 -19.58 27.99
C SER A 260 -12.44 -20.21 27.40
N LYS A 261 -12.50 -20.25 26.06
CA LYS A 261 -13.57 -20.90 25.29
C LYS A 261 -12.96 -21.93 24.32
N ILE A 262 -13.47 -23.16 24.33
CA ILE A 262 -12.90 -24.20 23.45
C ILE A 262 -13.98 -24.98 22.70
N ALA A 263 -13.78 -25.29 21.43
CA ALA A 263 -14.78 -26.09 20.70
C ALA A 263 -14.54 -27.58 20.87
N LYS A 264 -15.56 -28.26 21.41
CA LYS A 264 -15.50 -29.70 21.66
C LYS A 264 -16.02 -30.57 20.54
N LYS A 265 -17.19 -30.22 20.01
CA LYS A 265 -17.84 -31.15 19.11
C LYS A 265 -18.63 -30.49 18.00
N ILE A 266 -18.68 -31.09 16.83
CA ILE A 266 -19.64 -30.58 15.85
C ILE A 266 -20.68 -31.67 15.68
N VAL A 267 -21.94 -31.28 15.92
CA VAL A 267 -23.05 -32.17 15.72
C VAL A 267 -23.68 -31.69 14.44
N MSE A 268 -23.76 -32.61 13.49
CA MSE A 268 -24.29 -32.32 12.17
C MSE A 268 -25.23 -33.43 11.79
O MSE A 268 -25.33 -34.44 12.48
CB MSE A 268 -23.14 -32.24 11.15
CG MSE A 268 -22.34 -33.53 10.97
SE MSE A 268 -20.53 -33.16 10.39
CE MSE A 268 -20.69 -33.44 8.48
N THR A 269 -25.97 -33.24 10.71
CA THR A 269 -26.67 -34.34 10.08
C THR A 269 -26.12 -34.40 8.66
N GLN A 270 -25.69 -35.57 8.23
CA GLN A 270 -25.20 -35.71 6.88
C GLN A 270 -25.95 -36.91 6.35
N ASN A 271 -26.49 -36.79 5.14
CA ASN A 271 -27.20 -37.90 4.48
C ASN A 271 -28.32 -38.45 5.36
N GLY A 272 -29.01 -37.57 6.07
CA GLY A 272 -30.17 -37.99 6.84
C GLY A 272 -29.80 -38.65 8.15
N LYS A 273 -28.51 -38.70 8.47
CA LYS A 273 -28.08 -39.40 9.66
C LYS A 273 -27.41 -38.41 10.59
N ASP A 274 -27.72 -38.53 11.87
CA ASP A 274 -27.06 -37.70 12.86
C ASP A 274 -25.60 -38.13 12.84
N LYS A 275 -24.70 -37.17 13.01
CA LYS A 275 -23.28 -37.45 13.05
C LYS A 275 -22.60 -36.49 13.99
N GLU A 276 -21.39 -36.85 14.39
CA GLU A 276 -20.62 -36.05 15.33
C GLU A 276 -19.14 -36.09 15.02
N ILE A 277 -18.44 -35.04 15.47
CA ILE A 277 -16.98 -35.02 15.49
C ILE A 277 -16.55 -34.33 16.78
N ASP A 278 -16.03 -35.10 17.72
CA ASP A 278 -15.45 -34.52 18.92
C ASP A 278 -14.10 -33.96 18.51
N LEU A 279 -13.67 -32.88 19.14
CA LEU A 279 -12.44 -32.25 18.69
C LEU A 279 -11.44 -31.86 19.80
N THR A 280 -10.16 -32.05 19.49
CA THR A 280 -9.06 -31.56 20.30
C THR A 280 -8.96 -30.05 20.17
N HIS A 281 -8.13 -29.47 21.05
CA HIS A 281 -7.82 -28.04 21.02
C HIS A 281 -7.13 -27.69 19.71
N ASN A 282 -6.48 -28.69 19.13
CA ASN A 282 -5.73 -28.55 17.88
C ASN A 282 -6.52 -28.74 16.59
N ASP A 283 -7.81 -29.05 16.71
CA ASP A 283 -8.69 -29.03 15.54
C ASP A 283 -9.31 -27.65 15.42
N ILE A 284 -9.08 -26.98 14.29
CA ILE A 284 -9.51 -25.58 14.13
C ILE A 284 -10.76 -25.46 13.24
N VAL A 285 -11.80 -24.83 13.78
CA VAL A 285 -13.09 -24.74 13.09
C VAL A 285 -13.48 -23.31 12.77
N PHE A 286 -13.80 -23.06 11.51
CA PHE A 286 -14.20 -21.74 11.08
C PHE A 286 -15.68 -21.76 10.74
N VAL A 287 -16.45 -20.91 11.41
CA VAL A 287 -17.90 -20.88 11.25
C VAL A 287 -18.39 -19.64 10.51
N THR A 288 -18.91 -19.84 9.31
CA THR A 288 -19.56 -18.76 8.57
C THR A 288 -20.95 -18.58 9.16
N ASN A 289 -21.06 -17.72 10.18
CA ASN A 289 -22.33 -17.56 10.89
C ASN A 289 -23.31 -16.64 10.14
N GLY A 290 -24.57 -17.08 10.05
CA GLY A 290 -25.57 -16.29 9.36
C GLY A 290 -25.50 -16.47 7.84
N SER A 291 -26.58 -16.12 7.15
CA SER A 291 -26.62 -16.14 5.68
C SER A 291 -27.63 -15.12 5.18
N ILE A 292 -27.34 -14.55 4.01
CA ILE A 292 -28.29 -13.62 3.42
C ILE A 292 -28.98 -14.27 2.24
N THR A 293 -28.52 -15.47 1.91
CA THR A 293 -29.08 -16.20 0.78
C THR A 293 -30.00 -17.33 1.23
N GLU A 294 -29.94 -17.69 2.52
CA GLU A 294 -30.71 -18.83 3.02
C GLU A 294 -32.20 -18.58 2.89
N SER A 295 -32.95 -19.66 2.65
CA SER A 295 -34.42 -19.63 2.55
C SER A 295 -34.92 -18.94 1.28
N SER A 296 -34.04 -18.75 0.30
CA SER A 296 -34.43 -18.16 -0.97
C SER A 296 -35.44 -19.04 -1.71
N THR A 297 -36.48 -18.44 -2.29
CA THR A 297 -37.45 -19.23 -3.03
C THR A 297 -37.49 -18.77 -4.47
N TYR A 298 -38.02 -19.61 -5.35
CA TYR A 298 -37.95 -19.33 -6.77
C TYR A 298 -39.31 -19.23 -7.43
N GLY A 299 -39.37 -18.54 -8.56
CA GLY A 299 -40.58 -18.43 -9.35
C GLY A 299 -40.11 -18.52 -10.78
N ASP A 300 -40.98 -18.17 -11.72
CA ASP A 300 -40.57 -18.08 -13.11
C ASP A 300 -41.44 -17.11 -13.87
N GLN A 301 -41.43 -17.25 -15.20
CA GLN A 301 -42.18 -16.37 -16.08
C GLN A 301 -43.64 -16.24 -15.70
N ASN A 302 -44.22 -17.35 -15.27
CA ASN A 302 -45.64 -17.38 -14.94
C ASN A 302 -45.92 -17.66 -13.49
N THR A 303 -44.89 -17.60 -12.67
CA THR A 303 -45.05 -17.94 -11.27
C THR A 303 -44.22 -17.03 -10.38
N PRO A 304 -44.86 -16.46 -9.35
CA PRO A 304 -44.15 -15.65 -8.36
C PRO A 304 -43.39 -16.55 -7.43
N ALA A 305 -42.41 -16.01 -6.71
CA ALA A 305 -41.69 -16.82 -5.75
C ALA A 305 -42.45 -16.77 -4.43
N PRO A 306 -42.48 -17.90 -3.71
CA PRO A 306 -43.23 -17.93 -2.46
C PRO A 306 -42.57 -17.07 -1.36
N ILE A 307 -43.37 -16.25 -0.67
CA ILE A 307 -42.88 -15.45 0.46
C ILE A 307 -42.53 -16.42 1.60
N THR A 308 -41.41 -16.21 2.29
CA THR A 308 -41.09 -17.13 3.37
C THR A 308 -40.48 -16.39 4.56
N ASN A 309 -40.61 -17.01 5.73
CA ASN A 309 -39.97 -16.53 6.94
C ASN A 309 -39.09 -17.59 7.58
N ALA A 310 -38.84 -18.64 6.80
CA ALA A 310 -38.13 -19.80 7.31
C ALA A 310 -36.68 -19.51 7.68
N LYS A 311 -36.23 -20.06 8.81
CA LYS A 311 -34.83 -20.00 9.20
C LYS A 311 -34.19 -21.33 8.85
N GLY A 312 -33.14 -21.31 8.03
CA GLY A 312 -32.51 -22.52 7.57
C GLY A 312 -31.41 -22.96 8.52
N ASP A 313 -30.53 -23.83 8.06
CA ASP A 313 -29.47 -24.39 8.90
C ASP A 313 -28.56 -23.30 9.52
N SER A 314 -28.08 -22.38 8.68
CA SER A 314 -27.11 -21.37 9.11
C SER A 314 -27.60 -20.54 10.31
N TRP A 315 -28.81 -19.99 10.20
CA TRP A 315 -29.37 -19.18 11.28
C TRP A 315 -29.61 -19.95 12.58
N LYS A 316 -30.10 -21.18 12.46
CA LYS A 316 -30.35 -22.00 13.65
C LYS A 316 -29.02 -22.24 14.35
N LEU A 317 -27.98 -22.53 13.55
CA LEU A 317 -26.66 -22.79 14.11
C LEU A 317 -26.22 -21.56 14.89
N TRP A 318 -26.44 -20.38 14.32
CA TRP A 318 -25.99 -19.17 15.01
C TRP A 318 -26.77 -18.93 16.31
N GLU A 319 -28.08 -19.22 16.32
CA GLU A 319 -28.86 -19.08 17.56
C GLU A 319 -28.35 -20.01 18.66
N ASN A 320 -28.07 -21.25 18.28
CA ASN A 320 -27.54 -22.23 19.22
C ASN A 320 -26.19 -21.76 19.78
N LEU A 321 -25.36 -21.22 18.89
CA LEU A 321 -24.06 -20.73 19.33
C LEU A 321 -24.24 -19.58 20.29
N ALA A 322 -25.21 -18.71 20.02
CA ALA A 322 -25.46 -17.58 20.90
C ALA A 322 -25.85 -18.10 22.28
N LYS A 323 -26.61 -19.20 22.29
CA LYS A 323 -27.00 -19.84 23.54
C LYS A 323 -25.78 -20.29 24.34
N GLN A 324 -24.80 -20.90 23.66
CA GLN A 324 -23.61 -21.41 24.36
C GLN A 324 -22.69 -20.37 25.03
N ASP A 325 -22.45 -19.25 24.36
CA ASP A 325 -21.60 -18.22 24.94
C ASP A 325 -22.13 -16.83 24.61
N PRO A 326 -22.05 -15.92 25.58
CA PRO A 326 -22.53 -14.54 25.42
C PRO A 326 -21.80 -13.79 24.33
N ALA A 327 -20.55 -14.16 24.07
CA ALA A 327 -19.73 -13.43 23.12
C ALA A 327 -20.01 -13.88 21.68
N PHE A 328 -20.87 -14.89 21.52
CA PHE A 328 -21.05 -15.52 20.22
C PHE A 328 -22.08 -14.85 19.32
N GLY A 329 -22.56 -13.69 19.75
CA GLY A 329 -23.41 -12.83 18.93
C GLY A 329 -24.90 -13.06 19.09
N HIS A 330 -25.68 -12.21 18.43
CA HIS A 330 -27.14 -12.29 18.51
C HIS A 330 -27.82 -12.28 17.16
N PRO A 331 -28.03 -13.47 16.57
CA PRO A 331 -28.58 -13.58 15.22
C PRO A 331 -29.93 -12.90 15.10
N ASP A 332 -30.68 -12.85 16.21
CA ASP A 332 -32.04 -12.34 16.19
C ASP A 332 -32.11 -10.89 15.67
N VAL A 333 -31.10 -10.08 15.97
CA VAL A 333 -31.06 -8.68 15.53
C VAL A 333 -30.96 -8.57 14.00
N PHE A 334 -30.40 -9.60 13.37
CA PHE A 334 -30.25 -9.66 11.91
C PHE A 334 -31.33 -10.40 11.10
N CYS A 335 -31.92 -11.43 11.69
CA CYS A 335 -32.87 -12.27 10.96
C CYS A 335 -34.33 -12.14 11.39
N GLU A 336 -34.61 -11.27 12.36
CA GLU A 336 -35.97 -11.17 12.88
C GLU A 336 -36.60 -9.79 12.70
N ASN A 337 -37.89 -9.81 12.37
CA ASN A 337 -38.71 -8.59 12.30
C ASN A 337 -38.30 -7.65 11.18
N LEU A 338 -37.83 -8.21 10.05
CA LEU A 338 -37.50 -7.38 8.90
C LEU A 338 -38.76 -6.82 8.25
N PRO A 339 -38.74 -5.51 7.96
CA PRO A 339 -39.92 -4.80 7.44
C PRO A 339 -40.35 -5.36 6.09
N GLU A 340 -41.64 -5.33 5.79
CA GLU A 340 -42.14 -5.81 4.50
C GLU A 340 -41.65 -4.96 3.32
N ARG A 341 -41.34 -3.70 3.60
CA ARG A 341 -40.80 -2.76 2.61
C ARG A 341 -39.45 -3.24 2.05
N SER A 342 -38.70 -3.98 2.86
CA SER A 342 -37.34 -4.43 2.52
C SER A 342 -37.20 -5.00 1.11
N TRP A 343 -36.01 -4.81 0.54
CA TRP A 343 -35.63 -5.50 -0.69
C TRP A 343 -35.74 -7.00 -0.46
N PHE A 344 -36.44 -7.68 -1.38
CA PHE A 344 -36.57 -9.14 -1.30
C PHE A 344 -36.32 -9.78 -2.66
N VAL A 345 -36.87 -9.16 -3.71
CA VAL A 345 -36.90 -9.79 -5.03
C VAL A 345 -35.78 -9.32 -5.94
N SER A 346 -35.11 -10.29 -6.56
CA SER A 346 -34.19 -9.99 -7.65
C SER A 346 -34.53 -10.97 -8.75
N ALA A 347 -34.48 -10.53 -9.99
CA ALA A 347 -34.87 -11.38 -11.10
C ALA A 347 -33.86 -11.30 -12.21
N THR A 348 -33.79 -12.35 -13.02
CA THR A 348 -32.97 -12.32 -14.21
C THR A 348 -33.93 -12.35 -15.37
N ALA A 349 -33.68 -11.53 -16.38
CA ALA A 349 -34.53 -11.51 -17.54
C ALA A 349 -33.64 -11.74 -18.74
N THR A 350 -33.85 -12.88 -19.38
CA THR A 350 -33.08 -13.24 -20.55
C THR A 350 -33.83 -12.82 -21.81
N LEU A 351 -33.20 -11.93 -22.58
CA LEU A 351 -33.74 -11.47 -23.85
C LEU A 351 -33.35 -12.49 -24.89
N GLU A 352 -34.34 -13.05 -25.58
CA GLU A 352 -34.08 -14.10 -26.55
C GLU A 352 -33.75 -13.53 -27.92
N ASN A 353 -34.03 -12.25 -28.12
CA ASN A 353 -33.78 -11.59 -29.40
C ASN A 353 -33.49 -10.10 -29.24
N LYS A 354 -33.40 -9.41 -30.39
CA LYS A 354 -33.05 -7.99 -30.41
C LYS A 354 -34.25 -7.03 -30.48
N LYS A 355 -35.43 -7.50 -30.10
CA LYS A 355 -36.63 -6.68 -30.24
C LYS A 355 -36.68 -5.50 -29.25
N LEU A 356 -36.21 -5.72 -28.03
CA LEU A 356 -36.24 -4.67 -27.03
C LEU A 356 -34.87 -4.02 -26.90
N ALA A 357 -33.93 -4.46 -27.72
CA ALA A 357 -32.55 -4.00 -27.66
C ALA A 357 -32.40 -2.49 -27.84
N PRO A 358 -33.16 -1.88 -28.79
CA PRO A 358 -33.02 -0.43 -28.95
C PRO A 358 -33.32 0.39 -27.69
N TYR A 359 -34.21 -0.09 -26.82
CA TYR A 359 -34.51 0.66 -25.60
C TYR A 359 -33.30 0.74 -24.64
N PHE A 360 -32.68 -0.41 -24.40
CA PHE A 360 -31.47 -0.44 -23.58
C PHE A 360 -30.33 0.31 -24.26
N GLU A 361 -30.19 0.11 -25.58
CA GLU A 361 -29.11 0.75 -26.35
C GLU A 361 -29.25 2.27 -26.41
N ARG A 362 -30.49 2.77 -26.49
CA ARG A 362 -30.71 4.20 -26.43
C ARG A 362 -30.34 4.72 -25.03
N LEU A 363 -30.60 3.93 -23.99
CA LEU A 363 -30.09 4.33 -22.66
C LEU A 363 -28.55 4.35 -22.52
N THR A 364 -27.87 3.33 -23.03
CA THR A 364 -26.43 3.20 -22.78
C THR A 364 -25.50 3.84 -23.80
N LYS A 365 -26.06 4.24 -24.95
CA LYS A 365 -25.28 4.77 -26.07
C LYS A 365 -24.22 3.77 -26.56
N ARG A 366 -24.48 2.48 -26.30
CA ARG A 366 -23.57 1.39 -26.69
C ARG A 366 -24.34 0.24 -27.30
N SER A 367 -23.69 -0.54 -28.16
CA SER A 367 -24.30 -1.75 -28.68
C SER A 367 -24.34 -2.79 -27.58
N LEU A 368 -25.45 -3.53 -27.45
CA LEU A 368 -25.53 -4.60 -26.45
C LEU A 368 -24.69 -5.80 -26.88
N TYR A 369 -24.24 -5.80 -28.14
CA TYR A 369 -23.66 -7.01 -28.72
C TYR A 369 -22.17 -6.94 -29.06
N ASP A 370 -21.43 -6.00 -28.47
CA ASP A 370 -20.00 -5.91 -28.75
C ASP A 370 -19.14 -6.60 -27.69
N GLY A 371 -19.79 -7.20 -26.69
CA GLY A 371 -19.09 -7.94 -25.65
C GLY A 371 -18.50 -7.06 -24.58
N LYS A 372 -18.68 -5.76 -24.75
CA LYS A 372 -18.14 -4.76 -23.82
C LYS A 372 -19.20 -4.28 -22.82
N VAL A 373 -18.77 -3.42 -21.89
CA VAL A 373 -19.64 -2.96 -20.80
C VAL A 373 -20.88 -2.23 -21.34
N ASN A 374 -22.02 -2.43 -20.69
CA ASN A 374 -23.29 -1.84 -21.16
C ASN A 374 -23.83 -0.74 -20.23
N THR A 375 -24.63 -1.13 -19.24
CA THR A 375 -25.16 -0.17 -18.28
C THR A 375 -24.06 0.31 -17.34
N GLY A 376 -22.99 -0.46 -17.23
CA GLY A 376 -21.90 -0.13 -16.34
C GLY A 376 -22.35 -0.06 -14.90
N GLY A 377 -23.30 -0.92 -14.54
CA GLY A 377 -23.89 -0.89 -13.22
C GLY A 377 -25.38 -0.60 -13.31
N ILE A 378 -26.05 -0.46 -12.17
CA ILE A 378 -27.51 -0.32 -12.17
C ILE A 378 -28.00 0.99 -12.77
N ILE A 379 -29.16 0.94 -13.40
CA ILE A 379 -29.90 2.15 -13.75
C ILE A 379 -31.11 2.20 -12.84
N THR A 380 -31.31 3.34 -12.17
CA THR A 380 -32.44 3.48 -11.25
C THR A 380 -33.55 4.29 -11.90
N ILE A 381 -34.76 3.74 -11.86
CA ILE A 381 -35.95 4.46 -12.35
C ILE A 381 -36.58 5.19 -11.18
N VAL A 382 -36.39 6.51 -11.15
CA VAL A 382 -36.71 7.32 -9.97
C VAL A 382 -38.19 7.43 -9.63
N ASP A 383 -39.05 7.49 -10.65
CA ASP A 383 -40.48 7.57 -10.41
C ASP A 383 -41.20 6.22 -10.39
N SER A 384 -40.44 5.13 -10.23
CA SER A 384 -41.05 3.82 -10.07
C SER A 384 -41.38 3.56 -8.60
N ASN A 385 -42.57 3.03 -8.36
CA ASN A 385 -43.02 2.77 -7.00
C ASN A 385 -42.18 1.72 -6.30
N TRP A 386 -41.50 0.89 -7.09
CA TRP A 386 -40.67 -0.18 -6.56
C TRP A 386 -39.25 0.27 -6.23
N GLU A 387 -38.92 1.49 -6.65
CA GLU A 387 -37.52 1.91 -6.75
C GLU A 387 -36.82 0.83 -7.55
N LEU A 388 -37.29 0.69 -8.79
CA LEU A 388 -36.80 -0.36 -9.67
C LEU A 388 -35.46 0.02 -10.22
N SER A 389 -34.48 -0.85 -10.03
CA SER A 389 -33.18 -0.68 -10.65
C SER A 389 -32.87 -1.92 -11.51
N PHE A 390 -32.12 -1.72 -12.58
CA PHE A 390 -31.71 -2.84 -13.42
C PHE A 390 -30.31 -2.64 -13.95
N THR A 391 -29.63 -3.73 -14.26
CA THR A 391 -28.29 -3.66 -14.81
C THR A 391 -28.03 -4.72 -15.87
N ILE A 392 -27.20 -4.38 -16.85
CA ILE A 392 -26.75 -5.34 -17.84
C ILE A 392 -25.24 -5.36 -17.84
N HIS A 393 -24.66 -6.43 -17.30
CA HIS A 393 -23.22 -6.56 -17.24
C HIS A 393 -22.65 -6.70 -18.65
N ARG A 394 -21.33 -6.67 -18.77
CA ARG A 394 -20.72 -7.06 -20.04
C ARG A 394 -21.16 -8.48 -20.36
N GLN A 395 -21.43 -8.74 -21.64
CA GLN A 395 -22.04 -10.00 -22.04
C GLN A 395 -21.10 -10.88 -22.83
N PRO A 396 -21.26 -12.21 -22.70
CA PRO A 396 -22.28 -12.93 -21.92
C PRO A 396 -21.98 -12.93 -20.41
N HIS A 397 -23.02 -12.97 -19.56
CA HIS A 397 -22.81 -13.02 -18.12
C HIS A 397 -22.68 -14.47 -17.65
N PHE A 398 -23.32 -15.37 -18.39
CA PHE A 398 -23.19 -16.81 -18.17
C PHE A 398 -22.70 -17.44 -19.47
N LYS A 399 -21.71 -18.34 -19.35
CA LYS A 399 -21.13 -18.98 -20.52
C LYS A 399 -22.18 -19.79 -21.30
N SER A 400 -23.24 -20.20 -20.61
CA SER A 400 -24.34 -20.96 -21.22
C SER A 400 -25.05 -20.21 -22.34
N GLN A 401 -25.16 -18.89 -22.21
CA GLN A 401 -25.98 -18.07 -23.10
C GLN A 401 -25.63 -18.33 -24.56
N ASN A 402 -26.63 -18.36 -25.43
CA ASN A 402 -26.36 -18.42 -26.86
C ASN A 402 -26.10 -16.99 -27.33
N PRO A 403 -25.40 -16.81 -28.46
CA PRO A 403 -24.96 -15.50 -28.97
C PRO A 403 -26.01 -14.39 -29.05
N ASP A 404 -27.27 -14.74 -29.27
CA ASP A 404 -28.35 -13.76 -29.34
C ASP A 404 -28.86 -13.31 -27.97
N GLN A 405 -28.53 -14.07 -26.94
CA GLN A 405 -29.06 -13.80 -25.60
C GLN A 405 -28.38 -12.63 -24.88
N ILE A 406 -29.16 -11.91 -24.10
CA ILE A 406 -28.64 -10.88 -23.20
C ILE A 406 -29.34 -11.04 -21.86
N VAL A 407 -28.57 -11.02 -20.78
CA VAL A 407 -29.15 -11.21 -19.45
C VAL A 407 -29.20 -9.90 -18.67
N VAL A 408 -30.38 -9.61 -18.12
CA VAL A 408 -30.67 -8.35 -17.45
C VAL A 408 -31.02 -8.63 -16.00
N TRP A 409 -30.40 -7.91 -15.07
CA TRP A 409 -30.68 -8.10 -13.65
C TRP A 409 -31.62 -7.03 -13.15
N ILE A 410 -32.68 -7.43 -12.44
CA ILE A 410 -33.70 -6.50 -11.98
C ILE A 410 -33.83 -6.62 -10.46
N TYR A 411 -33.88 -5.47 -9.77
CA TYR A 411 -34.04 -5.46 -8.32
C TYR A 411 -35.02 -4.35 -7.94
N ALA A 412 -35.77 -4.56 -6.88
CA ALA A 412 -36.65 -3.52 -6.33
C ALA A 412 -36.29 -3.26 -4.88
N LEU A 413 -35.96 -2.00 -4.57
CA LEU A 413 -35.60 -1.63 -3.20
C LEU A 413 -36.83 -1.61 -2.29
N TYR A 414 -38.00 -1.34 -2.86
CA TYR A 414 -39.24 -1.28 -2.10
C TYR A 414 -40.14 -2.47 -2.43
N SER A 415 -40.59 -3.21 -1.42
CA SER A 415 -41.43 -4.38 -1.68
C SER A 415 -42.84 -4.26 -1.08
N ASP A 416 -43.21 -3.06 -0.61
CA ASP A 416 -44.53 -2.87 -0.03
C ASP A 416 -45.37 -1.90 -0.87
N THR A 417 -45.00 -1.75 -2.14
CA THR A 417 -45.66 -0.76 -3.01
C THR A 417 -46.24 -1.38 -4.28
N GLU A 418 -47.33 -0.80 -4.76
CA GLU A 418 -47.93 -1.19 -6.04
C GLU A 418 -47.14 -0.57 -7.18
N GLY A 419 -46.76 -1.36 -8.19
CA GLY A 419 -46.08 -0.84 -9.36
C GLY A 419 -46.93 0.14 -10.17
N ASN A 420 -46.30 0.87 -11.09
CA ASN A 420 -46.99 1.86 -11.92
C ASN A 420 -47.85 1.24 -13.02
N TYR A 421 -47.38 0.14 -13.58
CA TYR A 421 -48.09 -0.52 -14.67
C TYR A 421 -48.71 -1.82 -14.17
N ILE A 422 -47.91 -2.61 -13.45
CA ILE A 422 -48.41 -3.79 -12.76
C ILE A 422 -48.80 -3.39 -11.35
N LYS A 423 -50.11 -3.29 -11.12
CA LYS A 423 -50.67 -2.77 -9.88
C LYS A 423 -50.50 -3.71 -8.68
N LYS A 424 -49.39 -4.43 -8.64
CA LYS A 424 -49.06 -5.32 -7.54
C LYS A 424 -47.75 -4.94 -6.87
N ARG A 425 -47.52 -5.46 -5.66
CA ARG A 425 -46.21 -5.37 -5.06
C ARG A 425 -45.32 -6.33 -5.84
N ILE A 426 -44.01 -6.08 -5.89
CA ILE A 426 -43.12 -6.96 -6.64
C ILE A 426 -43.11 -8.38 -6.10
N VAL A 427 -43.25 -8.53 -4.78
CA VAL A 427 -43.22 -9.85 -4.15
C VAL A 427 -44.43 -10.72 -4.55
N ASP A 428 -45.48 -10.08 -5.05
CA ASP A 428 -46.65 -10.82 -5.53
C ASP A 428 -46.65 -11.03 -7.05
N CYS A 429 -45.55 -10.68 -7.74
CA CYS A 429 -45.53 -10.74 -9.20
C CYS A 429 -44.93 -11.99 -9.79
N THR A 430 -45.40 -12.35 -10.98
CA THR A 430 -44.71 -13.34 -11.79
C THR A 430 -43.47 -12.68 -12.36
N GLY A 431 -42.56 -13.46 -12.95
CA GLY A 431 -41.39 -12.92 -13.59
C GLY A 431 -41.81 -12.04 -14.76
N LYS A 432 -42.85 -12.50 -15.45
CA LYS A 432 -43.39 -11.75 -16.59
C LYS A 432 -43.92 -10.39 -16.17
N GLU A 433 -44.56 -10.33 -15.01
CA GLU A 433 -45.09 -9.06 -14.50
C GLU A 433 -43.95 -8.09 -14.19
N ILE A 434 -42.88 -8.59 -13.57
CA ILE A 434 -41.73 -7.76 -13.26
C ILE A 434 -41.16 -7.20 -14.57
N ALA A 435 -41.04 -8.08 -15.56
CA ALA A 435 -40.55 -7.66 -16.87
C ALA A 435 -41.49 -6.61 -17.48
N GLU A 436 -42.80 -6.79 -17.31
CA GLU A 436 -43.79 -5.86 -17.87
C GLU A 436 -43.65 -4.47 -17.25
N GLU A 437 -43.47 -4.43 -15.93
CA GLU A 437 -43.27 -3.16 -15.26
C GLU A 437 -41.99 -2.49 -15.77
N LEU A 438 -40.95 -3.30 -15.96
CA LEU A 438 -39.71 -2.74 -16.48
C LEU A 438 -39.87 -2.19 -17.90
N LEU A 439 -40.56 -2.94 -18.75
CA LEU A 439 -40.76 -2.53 -20.13
C LEU A 439 -41.59 -1.25 -20.15
N TYR A 440 -42.52 -1.13 -19.22
CA TYR A 440 -43.33 0.08 -19.14
C TYR A 440 -42.44 1.26 -18.83
N HIS A 441 -41.56 1.08 -17.84
CA HIS A 441 -40.66 2.17 -17.45
C HIS A 441 -39.61 2.52 -18.52
N LEU A 442 -39.33 1.60 -19.43
CA LEU A 442 -38.41 1.85 -20.54
C LEU A 442 -39.06 2.61 -21.69
N GLY A 443 -40.37 2.82 -21.60
CA GLY A 443 -41.10 3.51 -22.66
C GLY A 443 -41.58 2.62 -23.79
N VAL A 444 -41.73 1.33 -23.53
CA VAL A 444 -42.35 0.43 -24.50
C VAL A 444 -43.82 0.79 -24.55
N PRO A 445 -44.40 0.89 -25.76
CA PRO A 445 -45.83 1.22 -25.87
C PRO A 445 -46.67 0.18 -25.13
N GLU A 446 -47.70 0.63 -24.43
CA GLU A 446 -48.49 -0.25 -23.56
C GLU A 446 -49.09 -1.46 -24.29
N SER A 447 -49.46 -1.26 -25.54
CA SER A 447 -49.99 -2.32 -26.38
C SER A 447 -48.97 -3.43 -26.69
N GLN A 448 -47.71 -3.04 -26.87
CA GLN A 448 -46.65 -3.99 -27.20
C GLN A 448 -46.12 -4.78 -26.01
N ILE A 449 -46.41 -4.28 -24.81
CA ILE A 449 -45.74 -4.76 -23.60
C ILE A 449 -45.97 -6.23 -23.29
N SER A 450 -47.21 -6.71 -23.42
CA SER A 450 -47.52 -8.09 -23.08
C SER A 450 -46.80 -9.10 -23.99
N GLU A 451 -46.83 -8.85 -25.29
CA GLU A 451 -46.12 -9.71 -26.24
C GLU A 451 -44.61 -9.64 -26.04
N LEU A 452 -44.10 -8.42 -25.87
CA LEU A 452 -42.66 -8.24 -25.71
C LEU A 452 -42.14 -8.90 -24.43
N ALA A 453 -42.94 -8.83 -23.37
CA ALA A 453 -42.62 -9.47 -22.09
C ALA A 453 -42.79 -10.99 -22.13
N SER A 454 -43.52 -11.47 -23.14
CA SER A 454 -43.87 -12.89 -23.19
C SER A 454 -42.68 -13.80 -23.56
N GLU A 455 -42.86 -15.10 -23.32
CA GLU A 455 -41.76 -16.07 -23.28
C GLU A 455 -40.92 -16.14 -24.55
N GLU A 456 -41.56 -15.97 -25.70
CA GLU A 456 -40.86 -15.95 -26.98
C GLU A 456 -39.77 -14.86 -27.03
N ASN A 457 -40.01 -13.76 -26.33
CA ASN A 457 -39.11 -12.63 -26.35
C ASN A 457 -38.27 -12.47 -25.08
N MSE A 458 -38.88 -12.67 -23.92
CA MSE A 458 -38.17 -12.57 -22.64
C MSE A 458 -38.54 -13.72 -21.73
O MSE A 458 -39.70 -14.11 -21.63
CB MSE A 458 -38.51 -11.27 -21.92
CG MSE A 458 -38.22 -10.00 -22.69
SE MSE A 458 -38.70 -8.45 -21.63
CE MSE A 458 -37.46 -8.79 -20.16
N ASN A 459 -37.54 -14.25 -21.03
CA ASN A 459 -37.80 -15.19 -19.95
C ASN A 459 -37.29 -14.63 -18.63
N THR A 460 -38.20 -14.38 -17.68
CA THR A 460 -37.80 -13.68 -16.47
C THR A 460 -38.09 -14.54 -15.26
N VAL A 461 -37.05 -14.77 -14.46
CA VAL A 461 -37.14 -15.62 -13.28
C VAL A 461 -36.88 -14.80 -12.05
N PRO A 462 -37.89 -14.70 -11.17
CA PRO A 462 -37.75 -13.95 -9.92
C PRO A 462 -37.30 -14.84 -8.77
N VAL A 463 -36.67 -14.22 -7.78
CA VAL A 463 -36.24 -14.92 -6.59
C VAL A 463 -36.53 -14.03 -5.39
N TYR A 464 -37.09 -14.64 -4.36
CA TYR A 464 -37.45 -13.98 -3.11
C TYR A 464 -36.45 -14.39 -2.05
N MSE A 465 -35.66 -13.43 -1.58
CA MSE A 465 -34.59 -13.68 -0.60
C MSE A 465 -34.88 -12.94 0.70
O MSE A 465 -34.72 -11.72 0.78
CB MSE A 465 -33.26 -13.21 -1.17
CG MSE A 465 -33.05 -13.65 -2.59
SE MSE A 465 -31.29 -13.20 -3.28
CE MSE A 465 -30.26 -14.08 -1.89
N PRO A 466 -35.28 -13.69 1.74
CA PRO A 466 -35.74 -13.11 3.01
C PRO A 466 -34.69 -12.24 3.70
N TYR A 467 -33.42 -12.63 3.57
CA TYR A 467 -32.37 -12.04 4.39
C TYR A 467 -31.39 -11.20 3.59
N ILE A 468 -31.77 -10.84 2.36
CA ILE A 468 -30.86 -10.14 1.46
C ILE A 468 -30.41 -8.80 2.05
N THR A 469 -31.22 -8.22 2.94
CA THR A 469 -30.86 -6.95 3.60
C THR A 469 -30.33 -7.10 5.03
N SER A 470 -30.08 -8.33 5.46
CA SER A 470 -29.73 -8.61 6.86
C SER A 470 -28.41 -8.03 7.35
N TYR A 471 -27.39 -7.97 6.48
CA TYR A 471 -26.07 -7.45 6.87
C TYR A 471 -26.16 -6.04 7.47
N PHE A 472 -27.10 -5.25 6.95
CA PHE A 472 -27.19 -3.84 7.30
C PHE A 472 -28.11 -3.51 8.47
N MSE A 473 -28.71 -4.52 9.09
CA MSE A 473 -29.62 -4.25 10.20
C MSE A 473 -28.88 -3.55 11.34
O MSE A 473 -27.73 -3.91 11.63
CB MSE A 473 -30.26 -5.55 10.73
CG MSE A 473 -31.12 -6.29 9.70
SE MSE A 473 -32.44 -5.14 8.85
CE MSE A 473 -33.46 -4.72 10.45
N PRO A 474 -29.52 -2.53 11.95
CA PRO A 474 -28.85 -1.79 13.02
C PRO A 474 -28.35 -2.73 14.09
N ARG A 475 -27.22 -2.41 14.71
CA ARG A 475 -26.56 -3.34 15.62
C ARG A 475 -25.92 -2.60 16.79
N ARG A 476 -25.52 -3.36 17.80
CA ARG A 476 -24.88 -2.81 18.96
C ARG A 476 -23.71 -3.69 19.29
N ASP A 477 -22.78 -3.17 20.10
CA ASP A 477 -21.54 -3.87 20.37
C ASP A 477 -21.86 -5.25 20.93
N GLY A 478 -21.25 -6.26 20.33
CA GLY A 478 -21.53 -7.64 20.70
C GLY A 478 -22.59 -8.36 19.89
N ASP A 479 -23.38 -7.66 19.08
CA ASP A 479 -24.35 -8.34 18.23
C ASP A 479 -23.64 -9.26 17.23
N ARG A 480 -22.51 -8.79 16.72
CA ARG A 480 -21.69 -9.60 15.82
C ARG A 480 -20.56 -10.16 16.63
N PRO A 481 -20.29 -11.47 16.51
CA PRO A 481 -19.22 -12.05 17.32
C PRO A 481 -17.84 -11.76 16.72
N ASP A 482 -16.87 -11.41 17.56
CA ASP A 482 -15.51 -11.16 17.10
C ASP A 482 -15.02 -12.35 16.28
N VAL A 483 -14.25 -12.08 15.22
CA VAL A 483 -13.75 -13.16 14.36
C VAL A 483 -13.07 -14.23 15.21
N VAL A 484 -12.26 -13.81 16.19
CA VAL A 484 -11.81 -14.71 17.23
C VAL A 484 -12.23 -14.12 18.57
N PRO A 485 -13.27 -14.69 19.19
CA PRO A 485 -13.73 -14.14 20.47
C PRO A 485 -12.65 -14.35 21.54
N GLU A 486 -12.60 -13.47 22.53
CA GLU A 486 -11.54 -13.51 23.53
C GLU A 486 -11.54 -14.81 24.33
N GLY A 487 -10.44 -15.55 24.24
CA GLY A 487 -10.32 -16.81 24.92
C GLY A 487 -10.55 -18.02 24.03
N SER A 488 -11.02 -17.78 22.82
CA SER A 488 -11.16 -18.88 21.88
C SER A 488 -9.77 -19.41 21.58
N ILE A 489 -9.66 -20.71 21.36
CA ILE A 489 -8.36 -21.28 21.07
C ILE A 489 -8.37 -22.07 19.76
N ASN A 490 -9.56 -22.56 19.40
CA ASN A 490 -9.76 -23.31 18.16
C ASN A 490 -11.04 -22.98 17.37
N LEU A 491 -11.71 -21.89 17.72
CA LEU A 491 -12.98 -21.53 17.08
C LEU A 491 -12.96 -20.10 16.55
N ALA A 492 -13.36 -19.93 15.28
CA ALA A 492 -13.43 -18.60 14.68
C ALA A 492 -14.69 -18.41 13.85
N PHE A 493 -15.23 -17.19 13.87
CA PHE A 493 -16.37 -16.81 13.05
C PHE A 493 -15.87 -16.01 11.86
N ILE A 494 -16.37 -16.32 10.67
CA ILE A 494 -15.98 -15.65 9.42
C ILE A 494 -17.21 -15.23 8.61
N GLY A 495 -17.07 -14.21 7.78
CA GLY A 495 -18.15 -13.76 6.93
C GLY A 495 -18.65 -12.36 7.26
N ASN A 496 -19.66 -11.90 6.54
CA ASN A 496 -20.16 -10.53 6.71
C ASN A 496 -21.09 -10.39 7.93
N PHE A 497 -21.17 -11.44 8.76
CA PHE A 497 -21.83 -11.32 10.06
C PHE A 497 -20.82 -11.43 11.22
N ALA A 498 -19.54 -11.63 10.91
CA ALA A 498 -18.49 -11.64 11.95
C ALA A 498 -17.94 -10.24 12.19
N GLU A 499 -17.39 -9.99 13.37
CA GLU A 499 -16.89 -8.65 13.67
C GLU A 499 -15.37 -8.56 13.52
N SER A 500 -14.92 -8.06 12.37
CA SER A 500 -13.51 -7.76 12.20
C SER A 500 -13.18 -6.61 13.14
N PRO A 501 -11.99 -6.65 13.77
CA PRO A 501 -11.67 -5.53 14.67
C PRO A 501 -11.37 -4.23 13.93
N THR A 502 -11.37 -4.30 12.61
CA THR A 502 -11.22 -3.12 11.77
C THR A 502 -12.54 -2.42 11.51
N ARG A 503 -12.47 -1.28 10.82
CA ARG A 503 -13.62 -0.49 10.45
C ARG A 503 -14.17 -0.88 9.06
N ASP A 504 -13.80 -2.06 8.58
CA ASP A 504 -14.17 -2.48 7.22
C ASP A 504 -15.70 -2.60 7.04
N THR A 505 -16.14 -2.66 5.78
CA THR A 505 -17.55 -2.56 5.43
C THR A 505 -18.12 -3.91 5.00
N VAL A 506 -19.28 -4.27 5.54
CA VAL A 506 -19.90 -5.53 5.17
C VAL A 506 -20.72 -5.38 3.88
N PHE A 507 -21.36 -6.47 3.46
CA PHE A 507 -21.96 -6.60 2.13
C PHE A 507 -20.89 -6.44 1.06
N THR A 508 -19.66 -6.80 1.41
CA THR A 508 -18.57 -6.87 0.45
C THR A 508 -17.83 -8.19 0.53
N THR A 509 -17.39 -8.67 -0.63
CA THR A 509 -16.57 -9.86 -0.69
C THR A 509 -15.24 -9.63 -0.01
N GLU A 510 -14.78 -8.38 -0.07
CA GLU A 510 -13.52 -8.00 0.56
C GLU A 510 -13.61 -8.29 2.06
N TYR A 511 -14.76 -8.00 2.66
CA TYR A 511 -14.93 -8.30 4.09
C TYR A 511 -14.80 -9.80 4.37
N SER A 512 -15.37 -10.64 3.50
CA SER A 512 -15.28 -12.09 3.68
C SER A 512 -13.83 -12.52 3.64
N VAL A 513 -13.11 -12.04 2.64
CA VAL A 513 -11.70 -12.39 2.53
C VAL A 513 -10.96 -11.90 3.77
N ARG A 514 -11.28 -10.70 4.25
CA ARG A 514 -10.60 -10.15 5.42
C ARG A 514 -10.82 -11.02 6.66
N THR A 515 -12.06 -11.49 6.87
CA THR A 515 -12.31 -12.34 8.04
C THR A 515 -11.51 -13.62 7.94
N ALA A 516 -11.48 -14.20 6.74
CA ALA A 516 -10.69 -15.43 6.58
C ALA A 516 -9.21 -15.19 6.91
N MSE A 517 -8.65 -14.10 6.39
CA MSE A 517 -7.23 -13.81 6.63
C MSE A 517 -6.95 -13.57 8.10
O MSE A 517 -6.02 -14.15 8.67
CB MSE A 517 -6.80 -12.62 5.79
CG MSE A 517 -5.31 -12.47 5.67
SE MSE A 517 -4.87 -11.07 4.40
CE MSE A 517 -3.00 -11.47 4.34
N GLU A 518 -7.78 -12.75 8.74
CA GLU A 518 -7.60 -12.42 10.15
C GLU A 518 -7.74 -13.67 11.01
N ALA A 519 -8.71 -14.52 10.68
CA ALA A 519 -8.94 -15.75 11.44
C ALA A 519 -7.76 -16.72 11.32
N VAL A 520 -7.31 -16.95 10.10
CA VAL A 520 -6.20 -17.89 9.90
C VAL A 520 -4.92 -17.36 10.52
N TYR A 521 -4.64 -16.07 10.31
CA TYR A 521 -3.42 -15.46 10.84
C TYR A 521 -3.42 -15.45 12.38
N THR A 522 -4.56 -15.15 12.99
CA THR A 522 -4.68 -15.16 14.45
C THR A 522 -4.56 -16.56 15.04
N LEU A 523 -5.34 -17.50 14.51
CA LEU A 523 -5.38 -18.86 15.05
C LEU A 523 -4.12 -19.70 14.80
N LEU A 524 -3.56 -19.59 13.60
CA LEU A 524 -2.38 -20.39 13.27
C LEU A 524 -1.06 -19.63 13.38
N ASN A 525 -1.08 -18.45 14.00
CA ASN A 525 0.14 -17.68 14.27
C ASN A 525 0.99 -17.45 13.02
N VAL A 526 0.38 -16.95 11.96
CA VAL A 526 1.10 -16.62 10.73
C VAL A 526 1.77 -15.26 10.91
N ASP A 527 3.10 -15.23 10.82
CA ASP A 527 3.90 -14.01 11.06
C ASP A 527 4.04 -13.15 9.81
N ARG A 528 2.96 -12.48 9.43
CA ARG A 528 2.93 -11.55 8.31
C ARG A 528 1.82 -10.56 8.58
N GLY A 529 1.97 -9.33 8.10
CA GLY A 529 0.93 -8.33 8.28
C GLY A 529 -0.37 -8.63 7.53
N VAL A 530 -1.49 -8.34 8.16
CA VAL A 530 -2.76 -8.32 7.43
C VAL A 530 -2.95 -6.86 7.04
N PRO A 531 -3.25 -6.59 5.76
CA PRO A 531 -3.40 -5.17 5.41
C PRO A 531 -4.55 -4.50 6.16
N GLU A 532 -4.27 -3.32 6.70
CA GLU A 532 -5.32 -2.55 7.38
C GLU A 532 -6.33 -2.15 6.32
N VAL A 533 -7.51 -1.71 6.73
CA VAL A 533 -8.46 -1.17 5.77
C VAL A 533 -7.76 0.01 5.09
N PHE A 534 -7.83 0.10 3.76
CA PHE A 534 -7.06 1.11 3.03
C PHE A 534 -7.35 2.51 3.57
N ASP A 535 -6.29 3.26 3.88
CA ASP A 535 -6.44 4.40 4.78
C ASP A 535 -6.84 5.73 4.12
N SER A 536 -7.68 5.67 3.08
CA SER A 536 -8.09 6.88 2.36
C SER A 536 -8.77 7.91 3.26
N ILE A 537 -9.49 7.44 4.28
CA ILE A 537 -10.18 8.37 5.17
C ILE A 537 -9.20 9.20 6.03
N TYR A 538 -7.97 8.73 6.16
CA TYR A 538 -6.97 9.47 6.92
C TYR A 538 -6.04 10.30 6.04
N ASP A 539 -6.20 10.20 4.72
CA ASP A 539 -5.40 10.95 3.74
C ASP A 539 -6.01 12.32 3.44
N ILE A 540 -5.31 13.38 3.82
CA ILE A 540 -5.81 14.75 3.64
C ILE A 540 -6.16 15.07 2.19
N ARG A 541 -5.41 14.50 1.26
CA ARG A 541 -5.70 14.66 -0.16
C ARG A 541 -7.09 14.10 -0.45
N GLN A 542 -7.38 12.95 0.15
CA GLN A 542 -8.69 12.35 -0.05
C GLN A 542 -9.84 13.10 0.64
N LEU A 543 -9.61 13.62 1.85
CA LEU A 543 -10.64 14.40 2.52
C LEU A 543 -10.98 15.65 1.71
N LEU A 544 -9.93 16.34 1.24
CA LEU A 544 -10.12 17.54 0.43
C LEU A 544 -10.86 17.21 -0.87
N ARG A 545 -10.39 16.17 -1.55
CA ARG A 545 -10.98 15.76 -2.81
C ARG A 545 -12.47 15.47 -2.60
N ALA A 546 -12.78 14.81 -1.49
CA ALA A 546 -14.16 14.47 -1.14
C ALA A 546 -15.04 15.69 -0.94
N MSE A 547 -14.55 16.67 -0.18
CA MSE A 547 -15.31 17.90 -0.03
C MSE A 547 -15.51 18.57 -1.39
O MSE A 547 -16.56 19.18 -1.62
CB MSE A 547 -14.65 18.87 0.96
CG MSE A 547 -14.85 18.47 2.43
SE MSE A 547 -13.72 19.47 3.66
CE MSE A 547 -12.28 19.96 2.45
N TYR A 548 -14.54 18.44 -2.29
CA TYR A 548 -14.69 19.02 -3.63
C TYR A 548 -15.78 18.34 -4.47
N TYR A 549 -15.66 17.04 -4.69
CA TYR A 549 -16.63 16.31 -5.51
C TYR A 549 -18.04 16.21 -4.91
N MSE A 550 -18.12 15.97 -3.61
CA MSE A 550 -19.41 15.88 -2.90
C MSE A 550 -20.29 17.11 -3.11
O MSE A 550 -21.51 17.00 -3.24
CB MSE A 550 -19.12 15.69 -1.40
CG MSE A 550 -20.24 15.07 -0.61
SE MSE A 550 -19.83 14.93 1.28
CE MSE A 550 -18.48 16.33 1.39
N SER A 551 -19.68 18.29 -3.13
CA SER A 551 -20.43 19.54 -3.25
C SER A 551 -20.73 19.85 -4.71
N ASP A 552 -20.53 18.86 -5.58
CA ASP A 552 -20.64 19.06 -7.03
C ASP A 552 -19.68 20.12 -7.54
N LYS A 553 -18.43 19.98 -7.12
CA LYS A 553 -17.30 20.80 -7.59
C LYS A 553 -17.34 22.30 -7.24
N LYS A 554 -17.67 22.61 -5.98
CA LYS A 554 -17.68 23.98 -5.50
C LYS A 554 -16.45 24.28 -4.64
N LYS A 555 -15.87 25.47 -4.84
CA LYS A 555 -14.77 25.94 -4.00
C LYS A 555 -15.27 26.06 -2.57
N LEU A 556 -14.39 25.83 -1.60
CA LEU A 556 -14.78 25.72 -0.19
C LEU A 556 -15.59 26.92 0.35
N ALA A 557 -15.22 28.12 -0.09
CA ALA A 557 -15.94 29.34 0.32
C ALA A 557 -17.37 29.38 -0.25
N ASP A 558 -17.57 28.69 -1.37
CA ASP A 558 -18.85 28.75 -2.06
C ASP A 558 -19.81 27.63 -1.66
N GLN A 559 -19.30 26.63 -0.95
CA GLN A 559 -20.13 25.50 -0.55
C GLN A 559 -21.16 25.97 0.47
N ASP A 560 -22.36 25.41 0.43
CA ASP A 560 -23.42 25.92 1.28
C ASP A 560 -23.18 25.49 2.71
N MSE A 561 -23.15 26.47 3.61
CA MSE A 561 -22.75 26.25 4.99
C MSE A 561 -23.50 27.15 5.96
O MSE A 561 -23.76 28.32 5.64
CB MSE A 561 -21.27 26.52 5.15
CG MSE A 561 -20.39 25.31 5.01
SE MSE A 561 -18.68 25.69 5.82
CE MSE A 561 -17.88 26.74 4.38
N PRO A 562 -23.83 26.62 7.14
CA PRO A 562 -24.27 27.43 8.28
C PRO A 562 -23.29 28.56 8.60
N LEU A 563 -23.81 29.68 9.08
CA LEU A 563 -23.04 30.93 9.22
C LEU A 563 -21.82 30.90 10.16
N PRO A 564 -21.95 30.30 11.36
CA PRO A 564 -20.75 30.24 12.23
C PRO A 564 -19.66 29.36 11.63
N GLU A 565 -20.09 28.25 11.03
CA GLU A 565 -19.19 27.30 10.40
C GLU A 565 -18.47 27.97 9.23
N LYS A 566 -19.21 28.78 8.50
CA LYS A 566 -18.66 29.52 7.38
C LYS A 566 -17.63 30.51 7.89
N LEU A 567 -17.94 31.16 9.01
CA LEU A 567 -17.05 32.13 9.63
C LEU A 567 -15.73 31.45 9.99
N ALA A 568 -15.85 30.25 10.56
CA ALA A 568 -14.69 29.47 10.95
C ALA A 568 -13.85 29.17 9.71
N VAL A 569 -14.51 28.80 8.61
CA VAL A 569 -13.80 28.49 7.37
C VAL A 569 -13.07 29.71 6.77
N LYS A 570 -13.71 30.87 6.70
CA LYS A 570 -13.02 32.04 6.13
C LYS A 570 -11.83 32.42 7.01
N THR A 571 -12.01 32.33 8.33
CA THR A 571 -10.93 32.62 9.28
C THR A 571 -9.76 31.65 9.07
N GLY A 572 -10.08 30.36 8.91
CA GLY A 572 -9.08 29.34 8.70
C GLY A 572 -8.31 29.52 7.42
N MSE A 573 -9.03 29.68 6.31
CA MSE A 573 -8.41 29.89 5.01
C MSE A 573 -7.55 31.14 5.01
O MSE A 573 -6.51 31.17 4.36
CB MSE A 573 -9.49 29.97 3.92
CG MSE A 573 -10.33 28.71 3.82
SE MSE A 573 -11.39 28.57 2.21
CE MSE A 573 -9.97 28.96 0.94
N ARG A 574 -7.97 32.15 5.78
CA ARG A 574 -7.17 33.37 5.93
C ARG A 574 -5.84 33.07 6.60
N LYS A 575 -5.88 32.32 7.69
CA LYS A 575 -4.63 32.01 8.42
C LYS A 575 -3.60 31.20 7.62
N ILE A 576 -4.08 30.19 6.88
CA ILE A 576 -3.16 29.24 6.23
C ILE A 576 -2.74 29.74 4.85
N LYS A 577 -2.97 31.03 4.62
CA LYS A 577 -2.68 31.64 3.33
C LYS A 577 -1.19 31.49 3.00
N LYS A 578 -0.90 31.14 1.75
CA LYS A 578 0.46 30.92 1.26
C LYS A 578 1.26 29.83 2.01
N THR A 579 0.64 28.71 2.32
CA THR A 579 1.33 27.62 3.01
C THR A 579 1.19 26.35 2.19
N TRP A 580 1.85 25.29 2.66
CA TRP A 580 1.77 23.99 2.02
C TRP A 580 0.32 23.49 2.02
N VAL A 581 -0.40 23.82 3.08
CA VAL A 581 -1.83 23.52 3.18
C VAL A 581 -2.62 24.24 2.07
N GLU A 582 -2.26 25.49 1.80
CA GLU A 582 -2.90 26.23 0.70
C GLU A 582 -2.61 25.53 -0.63
N GLU A 583 -1.41 24.98 -0.75
CA GLU A 583 -1.03 24.22 -1.95
C GLU A 583 -1.93 23.00 -2.09
N LEU A 584 -2.18 22.31 -0.96
CA LEU A 584 -3.02 21.12 -0.97
C LEU A 584 -4.45 21.48 -1.36
N LEU A 585 -4.94 22.60 -0.84
CA LEU A 585 -6.28 23.07 -1.16
C LEU A 585 -6.37 23.40 -2.64
N LYS A 586 -5.28 23.93 -3.19
CA LYS A 586 -5.18 24.23 -4.61
C LYS A 586 -5.26 22.95 -5.43
N GLU A 587 -4.53 21.94 -5.00
CA GLU A 587 -4.47 20.64 -5.68
C GLU A 587 -5.86 20.00 -5.75
N ALA A 588 -6.66 20.21 -4.72
CA ALA A 588 -8.00 19.64 -4.63
C ALA A 588 -9.02 20.48 -5.37
N ASN A 589 -8.55 21.60 -5.94
CA ASN A 589 -9.39 22.56 -6.65
C ASN A 589 -10.39 23.20 -5.71
N LEU A 590 -10.03 23.28 -4.43
CA LEU A 590 -10.87 23.99 -3.47
C LEU A 590 -10.49 25.47 -3.47
N VAL A 591 -9.35 25.78 -4.11
CA VAL A 591 -8.95 27.15 -4.46
C VAL A 591 -8.20 27.13 -5.78
N MSE B 1 2.58 7.13 -18.31
CA MSE B 1 2.95 6.57 -17.01
C MSE B 1 2.05 7.13 -15.92
O MSE B 1 1.69 8.31 -15.94
CB MSE B 1 4.42 6.88 -16.69
CG MSE B 1 5.04 5.91 -15.72
SE MSE B 1 5.87 6.80 -14.20
CE MSE B 1 4.33 7.68 -13.46
N TYR B 2 1.69 6.29 -14.95
CA TYR B 2 0.87 6.76 -13.82
C TYR B 2 1.36 6.27 -12.46
N TYR B 3 0.98 6.97 -11.39
CA TYR B 3 1.35 6.55 -10.03
C TYR B 3 0.21 5.85 -9.35
N SER B 4 0.52 4.99 -8.37
CA SER B 4 -0.54 4.27 -7.67
C SER B 4 -0.10 3.90 -6.25
N ASN B 5 -1.03 3.33 -5.49
CA ASN B 5 -0.76 2.77 -4.17
C ASN B 5 -1.69 1.58 -3.98
N GLY B 6 -1.51 0.80 -2.91
CA GLY B 6 -2.40 -0.31 -2.61
C GLY B 6 -2.01 -1.63 -3.24
N ASN B 7 -2.61 -2.71 -2.76
CA ASN B 7 -2.25 -4.06 -3.21
C ASN B 7 -2.64 -4.38 -4.66
N TYR B 8 -3.72 -3.77 -5.13
CA TYR B 8 -4.23 -4.06 -6.48
C TYR B 8 -3.16 -3.78 -7.53
N GLU B 9 -2.59 -2.59 -7.53
CA GLU B 9 -1.56 -2.28 -8.52
C GLU B 9 -0.25 -2.98 -8.21
N ALA B 10 0.02 -3.26 -6.94
CA ALA B 10 1.29 -3.88 -6.56
C ALA B 10 1.40 -5.31 -7.05
N PHE B 11 0.34 -6.10 -6.83
CA PHE B 11 0.38 -7.51 -7.18
C PHE B 11 0.15 -7.72 -8.67
N ALA B 12 -0.34 -6.69 -9.36
CA ALA B 12 -0.67 -6.83 -10.77
C ALA B 12 0.57 -6.92 -11.65
N ASP B 13 0.51 -7.82 -12.63
CA ASP B 13 1.54 -7.97 -13.64
C ASP B 13 1.17 -7.17 -14.88
N PRO B 14 2.13 -6.39 -15.41
CA PRO B 14 1.79 -5.60 -16.59
C PRO B 14 1.69 -6.47 -17.85
N LYS B 15 0.87 -6.02 -18.79
CA LYS B 15 0.79 -6.66 -20.10
C LYS B 15 2.09 -6.35 -20.80
N LYS B 16 2.52 -7.23 -21.69
CA LYS B 16 3.65 -6.95 -22.56
C LYS B 16 3.28 -5.78 -23.45
N PRO B 17 4.03 -4.66 -23.35
CA PRO B 17 3.72 -3.48 -24.16
C PRO B 17 4.05 -3.69 -25.64
N ALA B 18 3.47 -2.88 -26.52
CA ALA B 18 3.58 -3.09 -27.96
C ALA B 18 5.01 -2.92 -28.46
N GLY B 19 5.43 -3.86 -29.32
CA GLY B 19 6.71 -3.80 -30.02
C GLY B 19 7.98 -3.69 -29.21
N VAL B 20 8.15 -4.57 -28.24
CA VAL B 20 9.34 -4.57 -27.39
C VAL B 20 10.33 -5.66 -27.82
N ASP B 21 9.96 -6.41 -28.84
CA ASP B 21 10.83 -7.46 -29.36
C ASP B 21 11.76 -6.86 -30.39
N LYS B 22 11.40 -5.66 -30.82
CA LYS B 22 12.23 -4.96 -31.77
C LYS B 22 13.12 -3.96 -31.05
N LYS B 23 13.17 -4.05 -29.73
CA LYS B 23 13.89 -3.03 -28.96
C LYS B 23 15.01 -3.60 -28.08
N SER B 24 16.05 -2.80 -27.85
CA SER B 24 17.20 -3.22 -27.06
C SER B 24 17.65 -2.16 -26.05
N ALA B 25 18.47 -2.56 -25.08
CA ALA B 25 18.89 -1.67 -24.00
C ALA B 25 20.39 -1.52 -23.85
N TYR B 26 20.83 -0.26 -23.73
CA TYR B 26 22.22 0.03 -23.39
C TYR B 26 22.22 0.69 -22.02
N ILE B 27 22.70 -0.02 -21.01
CA ILE B 27 22.71 0.53 -19.67
C ILE B 27 24.14 0.94 -19.32
N ILE B 28 24.41 2.23 -19.32
CA ILE B 28 25.78 2.68 -19.05
C ILE B 28 25.96 2.99 -17.56
N GLY B 29 26.67 2.09 -16.89
CA GLY B 29 26.83 2.14 -15.45
C GLY B 29 26.23 0.91 -14.82
N SER B 30 27.00 0.28 -13.97
CA SER B 30 26.55 -0.91 -13.25
C SER B 30 26.10 -0.49 -11.87
N GLY B 31 25.84 0.81 -11.72
CA GLY B 31 25.32 1.34 -10.48
C GLY B 31 23.92 0.80 -10.27
N LEU B 32 23.36 1.02 -9.08
CA LEU B 32 22.11 0.37 -8.73
C LEU B 32 20.97 0.75 -9.65
N ALA B 33 20.93 2.03 -10.06
CA ALA B 33 19.88 2.51 -10.93
C ALA B 33 19.87 1.75 -12.26
N GLY B 34 21.07 1.57 -12.82
CA GLY B 34 21.21 0.89 -14.09
C GLY B 34 20.77 -0.55 -14.07
N LEU B 35 21.31 -1.29 -13.11
CA LEU B 35 20.96 -2.69 -12.96
C LEU B 35 19.45 -2.82 -12.72
N SER B 36 18.90 -1.92 -11.92
CA SER B 36 17.48 -1.92 -11.61
C SER B 36 16.67 -1.74 -12.89
N THR B 37 17.15 -0.85 -13.75
CA THR B 37 16.54 -0.60 -15.03
C THR B 37 16.50 -1.91 -15.83
N ALA B 38 17.63 -2.60 -15.82
CA ALA B 38 17.73 -3.87 -16.54
C ALA B 38 16.74 -4.93 -16.02
N VAL B 39 16.65 -5.03 -14.69
CA VAL B 39 15.78 -6.01 -14.06
C VAL B 39 14.32 -5.74 -14.42
N PHE B 40 13.94 -4.46 -14.40
CA PHE B 40 12.58 -4.09 -14.80
C PHE B 40 12.32 -4.38 -16.28
N LEU B 41 13.33 -4.15 -17.11
CA LEU B 41 13.24 -4.45 -18.54
C LEU B 41 12.97 -5.94 -18.78
N VAL B 42 13.71 -6.81 -18.09
CA VAL B 42 13.49 -8.24 -18.21
C VAL B 42 12.10 -8.64 -17.70
N ARG B 43 11.74 -8.18 -16.51
CA ARG B 43 10.51 -8.62 -15.86
C ARG B 43 9.22 -7.97 -16.38
N ASP B 44 9.22 -6.64 -16.47
CA ASP B 44 7.99 -5.90 -16.80
C ASP B 44 7.89 -5.52 -18.27
N ALA B 45 8.98 -5.01 -18.83
CA ALA B 45 8.99 -4.66 -20.25
C ALA B 45 9.00 -5.89 -21.12
N GLN B 46 9.53 -6.99 -20.58
CA GLN B 46 9.72 -8.23 -21.34
C GLN B 46 10.60 -8.08 -22.57
N MSE B 47 11.57 -7.16 -22.46
N MSE B 47 11.56 -7.16 -22.49
CA MSE B 47 12.70 -7.10 -23.39
CA MSE B 47 12.64 -7.12 -23.46
C MSE B 47 13.54 -8.33 -23.10
C MSE B 47 13.56 -8.29 -23.10
O MSE B 47 13.56 -8.82 -21.97
O MSE B 47 13.65 -8.67 -21.95
CB MSE B 47 13.54 -5.84 -23.12
CB MSE B 47 13.39 -5.79 -23.37
CG MSE B 47 13.81 -4.97 -24.34
CG MSE B 47 14.36 -5.52 -24.52
SE MSE B 47 15.21 -3.64 -24.01
SE MSE B 47 15.42 -3.95 -24.11
CE MSE B 47 14.35 -2.07 -24.76
CE MSE B 47 15.81 -4.44 -22.29
N LYS B 48 14.22 -8.86 -24.11
CA LYS B 48 14.95 -10.11 -23.95
C LYS B 48 16.36 -9.97 -23.40
N GLY B 49 16.76 -10.94 -22.59
CA GLY B 49 18.05 -10.92 -21.89
C GLY B 49 19.23 -10.75 -22.83
N GLU B 50 19.20 -11.48 -23.94
CA GLU B 50 20.23 -11.37 -24.97
C GLU B 50 20.25 -10.00 -25.65
N ASN B 51 19.24 -9.18 -25.39
CA ASN B 51 19.18 -7.82 -25.93
C ASN B 51 19.49 -6.72 -24.92
N ILE B 52 19.82 -7.09 -23.68
CA ILE B 52 20.26 -6.10 -22.70
C ILE B 52 21.76 -6.08 -22.54
N HIS B 53 22.37 -4.92 -22.81
CA HIS B 53 23.80 -4.81 -22.64
C HIS B 53 24.09 -3.77 -21.59
N ILE B 54 24.62 -4.22 -20.46
CA ILE B 54 25.03 -3.30 -19.42
C ILE B 54 26.53 -3.04 -19.59
N LEU B 55 26.85 -1.79 -19.92
CA LEU B 55 28.22 -1.36 -20.15
C LEU B 55 28.88 -0.93 -18.85
N GLU B 56 29.71 -1.82 -18.32
CA GLU B 56 30.39 -1.61 -17.05
C GLU B 56 31.63 -0.76 -17.25
N GLU B 57 32.22 -0.29 -16.15
CA GLU B 57 33.42 0.54 -16.26
C GLU B 57 34.64 -0.21 -15.75
N LEU B 58 34.45 -1.45 -15.34
CA LEU B 58 35.53 -2.23 -14.73
C LEU B 58 35.69 -3.62 -15.36
N PRO B 59 36.95 -4.06 -15.52
CA PRO B 59 37.19 -5.43 -15.95
C PRO B 59 36.92 -6.38 -14.78
N VAL B 60 36.47 -7.60 -15.03
CA VAL B 60 36.27 -8.54 -13.90
C VAL B 60 37.61 -9.20 -13.55
N ALA B 73 38.91 -8.41 6.34
CA ALA B 73 37.77 -7.95 5.55
C ALA B 73 38.07 -6.60 4.90
N GLY B 74 37.70 -5.52 5.59
CA GLY B 74 38.10 -4.17 5.20
C GLY B 74 37.91 -3.73 3.76
N PHE B 75 36.68 -3.84 3.25
CA PHE B 75 36.35 -3.38 1.90
C PHE B 75 35.33 -2.25 1.93
N VAL B 76 35.82 -1.01 1.91
CA VAL B 76 34.94 0.16 1.91
C VAL B 76 34.08 0.20 0.65
N VAL B 77 34.69 -0.16 -0.48
CA VAL B 77 34.04 -0.05 -1.78
C VAL B 77 32.76 -0.89 -1.85
N ARG B 78 32.77 -2.00 -1.11
CA ARG B 78 31.63 -2.90 -1.03
C ARG B 78 30.54 -2.49 -0.02
N GLY B 79 30.87 -1.57 0.89
CA GLY B 79 29.95 -1.13 1.92
C GLY B 79 28.66 -0.45 1.45
N GLY B 80 27.59 -0.62 2.21
CA GLY B 80 26.28 -0.10 1.83
C GLY B 80 25.41 0.46 2.97
N ARG B 81 24.34 1.15 2.58
CA ARG B 81 23.44 1.80 3.55
C ARG B 81 22.24 0.97 4.03
N GLU B 82 21.55 1.48 5.05
CA GLU B 82 20.33 0.87 5.57
C GLU B 82 19.12 1.11 4.67
N MSE B 83 18.05 0.35 4.91
CA MSE B 83 16.74 0.60 4.30
C MSE B 83 15.65 0.67 5.38
O MSE B 83 15.94 0.56 6.59
CB MSE B 83 16.38 -0.46 3.25
CG MSE B 83 17.38 -0.58 2.13
SE MSE B 83 18.70 -1.98 2.44
CE MSE B 83 18.12 -3.13 0.99
N GLU B 84 14.41 0.84 4.94
CA GLU B 84 13.26 0.89 5.86
C GLU B 84 12.09 0.17 5.18
N ASN B 85 11.02 -0.09 5.92
CA ASN B 85 9.89 -0.82 5.33
C ASN B 85 9.33 -0.14 4.09
N HIS B 86 9.32 1.19 4.08
CA HIS B 86 8.66 1.90 2.99
C HIS B 86 9.48 2.32 1.78
N PHE B 87 10.48 1.51 1.43
CA PHE B 87 11.12 1.55 0.12
C PHE B 87 10.23 0.75 -0.85
N GLU B 88 9.13 1.34 -1.31
CA GLU B 88 8.11 0.57 -2.06
C GLU B 88 8.63 -0.08 -3.36
N CYS B 89 9.35 0.71 -4.16
CA CYS B 89 9.87 0.27 -5.45
C CYS B 89 10.93 -0.82 -5.28
N LEU B 90 11.82 -0.55 -4.33
CA LEU B 90 12.91 -1.47 -4.05
C LEU B 90 12.36 -2.82 -3.62
N TRP B 91 11.33 -2.82 -2.77
CA TRP B 91 10.73 -4.08 -2.36
C TRP B 91 9.97 -4.81 -3.47
N ASP B 92 9.34 -4.04 -4.37
CA ASP B 92 8.77 -4.63 -5.60
C ASP B 92 9.86 -5.45 -6.38
N MSE B 93 10.92 -4.73 -6.74
CA MSE B 93 12.00 -5.39 -7.46
C MSE B 93 12.49 -6.61 -6.69
O MSE B 93 12.48 -7.72 -7.22
CB MSE B 93 13.16 -4.45 -7.73
CG MSE B 93 14.32 -5.15 -8.43
SE MSE B 93 15.75 -3.87 -8.66
CE MSE B 93 14.68 -2.60 -9.58
N TYR B 94 12.89 -6.40 -5.44
CA TYR B 94 13.52 -7.50 -4.73
C TYR B 94 12.60 -8.68 -4.42
N ARG B 95 11.28 -8.48 -4.43
CA ARG B 95 10.40 -9.63 -4.32
C ARG B 95 10.48 -10.39 -5.63
N SER B 96 10.83 -9.70 -6.72
CA SER B 96 11.10 -10.54 -7.91
C SER B 96 12.46 -11.29 -7.98
N ILE B 97 13.40 -10.97 -7.08
CA ILE B 97 14.79 -11.49 -7.16
C ILE B 97 15.13 -12.69 -6.26
N PRO B 98 15.65 -13.78 -6.86
CA PRO B 98 15.98 -14.97 -6.06
C PRO B 98 17.13 -14.72 -5.10
N SER B 99 16.98 -15.22 -3.87
CA SER B 99 18.01 -15.09 -2.84
C SER B 99 19.15 -16.09 -3.11
N LEU B 100 20.29 -15.87 -2.47
CA LEU B 100 21.42 -16.79 -2.61
C LEU B 100 21.68 -17.58 -1.33
N GLU B 101 21.34 -16.98 -0.20
CA GLU B 101 21.61 -17.61 1.08
C GLU B 101 20.49 -18.56 1.53
N VAL B 102 19.27 -18.29 1.08
CA VAL B 102 18.15 -19.14 1.42
C VAL B 102 17.47 -19.52 0.10
N PRO B 103 17.95 -20.61 -0.51
CA PRO B 103 17.54 -21.03 -1.85
C PRO B 103 16.05 -21.25 -1.91
N GLY B 104 15.42 -20.85 -3.01
CA GLY B 104 13.99 -21.02 -3.14
C GLY B 104 13.18 -19.85 -2.60
N ALA B 105 13.85 -18.85 -2.05
CA ALA B 105 13.14 -17.70 -1.54
C ALA B 105 13.58 -16.48 -2.31
N SER B 106 12.80 -15.41 -2.22
CA SER B 106 13.17 -14.15 -2.87
C SER B 106 14.11 -13.40 -1.94
N TYR B 107 14.86 -12.44 -2.45
CA TYR B 107 15.74 -11.68 -1.56
C TYR B 107 14.91 -10.97 -0.50
N LEU B 108 13.76 -10.43 -0.91
CA LEU B 108 12.90 -9.72 0.04
C LEU B 108 12.55 -10.65 1.19
N ASP B 109 12.22 -11.90 0.89
CA ASP B 109 11.90 -12.88 1.92
C ASP B 109 13.07 -13.09 2.92
N GLU B 110 14.28 -13.26 2.39
CA GLU B 110 15.47 -13.45 3.22
C GLU B 110 15.64 -12.28 4.17
N TYR B 111 15.54 -11.09 3.59
CA TYR B 111 15.68 -9.84 4.32
C TYR B 111 14.62 -9.73 5.41
N TYR B 112 13.39 -10.05 5.06
CA TYR B 112 12.19 -9.93 5.90
C TYR B 112 12.30 -10.85 7.12
N TRP B 113 12.65 -12.10 6.85
CA TRP B 113 12.84 -13.09 7.89
C TRP B 113 14.04 -12.74 8.78
N LEU B 114 15.13 -12.27 8.19
CA LEU B 114 16.31 -11.91 8.99
C LEU B 114 15.94 -10.78 9.95
N ASP B 115 15.24 -9.78 9.41
CA ASP B 115 14.79 -8.62 10.18
C ASP B 115 13.86 -9.05 11.31
N LYS B 116 13.03 -10.06 11.05
CA LYS B 116 12.18 -10.57 12.13
C LYS B 116 12.96 -11.31 13.22
N GLU B 117 13.92 -12.13 12.79
CA GLU B 117 14.74 -12.92 13.70
C GLU B 117 15.81 -12.13 14.46
N ASP B 118 16.40 -11.14 13.79
CA ASP B 118 17.43 -10.30 14.37
C ASP B 118 17.12 -8.82 14.14
N PRO B 119 16.08 -8.29 14.82
CA PRO B 119 15.61 -6.91 14.63
C PRO B 119 16.60 -5.82 15.08
N ASN B 120 16.73 -4.78 14.28
CA ASN B 120 17.69 -3.70 14.56
C ASN B 120 17.18 -2.74 15.63
N SER B 121 18.05 -2.42 16.59
CA SER B 121 17.80 -1.36 17.54
C SER B 121 19.15 -0.99 18.14
N SER B 122 19.24 0.22 18.70
CA SER B 122 20.47 0.69 19.34
C SER B 122 20.25 0.92 20.81
N ASN B 123 21.14 0.35 21.62
CA ASN B 123 21.15 0.59 23.05
C ASN B 123 22.01 1.79 23.41
N CYS B 124 22.75 2.33 22.44
CA CYS B 124 23.63 3.48 22.69
C CYS B 124 23.83 4.31 21.43
N ARG B 125 23.13 5.43 21.33
CA ARG B 125 23.18 6.27 20.12
C ARG B 125 24.20 7.41 20.20
N LEU B 126 24.31 8.05 21.37
CA LEU B 126 25.21 9.20 21.55
C LEU B 126 26.12 9.02 22.77
N ILE B 127 27.42 9.18 22.58
CA ILE B 127 28.37 9.11 23.69
C ILE B 127 29.22 10.37 23.79
N TYR B 128 29.87 10.57 24.93
CA TYR B 128 30.75 11.70 25.13
C TYR B 128 31.68 11.39 26.29
N ASN B 129 32.55 12.34 26.62
CA ASN B 129 33.38 12.22 27.81
C ASN B 129 34.21 10.94 27.85
N ARG B 130 34.72 10.57 26.68
CA ARG B 130 35.52 9.35 26.54
C ARG B 130 34.77 8.10 26.99
N GLY B 131 33.56 7.87 26.46
CA GLY B 131 32.88 6.60 26.72
C GLY B 131 31.62 6.56 27.58
N ASP B 132 31.14 7.71 28.05
CA ASP B 132 29.87 7.79 28.78
C ASP B 132 28.71 7.98 27.81
N ARG B 133 27.61 7.24 27.99
CA ARG B 133 26.41 7.49 27.21
C ARG B 133 25.88 8.88 27.57
N LEU B 134 25.54 9.68 26.56
CA LEU B 134 24.96 11.00 26.83
C LEU B 134 23.69 10.85 27.67
N PRO B 135 23.61 11.59 28.80
CA PRO B 135 22.48 11.47 29.72
C PRO B 135 21.13 11.65 29.03
N SER B 136 21.05 12.52 28.01
CA SER B 136 19.75 12.76 27.37
C SER B 136 19.56 11.96 26.08
N ASP B 137 20.35 10.90 25.90
CA ASP B 137 20.20 10.07 24.72
C ASP B 137 18.83 9.42 24.71
N GLY B 138 18.15 9.53 23.58
CA GLY B 138 16.81 8.99 23.42
C GLY B 138 15.82 10.14 23.34
N GLN B 139 16.25 11.33 23.81
CA GLN B 139 15.42 12.54 23.75
C GLN B 139 15.76 13.37 22.51
N TYR B 140 14.73 13.90 21.85
CA TYR B 140 14.95 14.86 20.77
C TYR B 140 15.41 16.19 21.30
N GLY B 141 14.88 16.60 22.45
CA GLY B 141 15.27 17.83 23.10
C GLY B 141 15.09 19.07 22.26
N LEU B 142 14.04 19.08 21.45
CA LEU B 142 13.76 20.17 20.52
C LEU B 142 13.30 21.47 21.18
N GLY B 143 12.42 21.36 22.17
CA GLY B 143 11.75 22.53 22.72
C GLY B 143 10.96 23.23 21.62
N LYS B 144 10.97 24.55 21.61
CA LYS B 144 10.21 25.33 20.62
C LYS B 144 10.76 25.13 19.21
N CYS B 145 11.98 24.61 19.11
CA CYS B 145 12.61 24.38 17.82
C CYS B 145 11.77 23.41 16.97
N ALA B 146 10.97 22.59 17.63
CA ALA B 146 10.04 21.71 16.93
C ALA B 146 9.17 22.52 15.97
N ASN B 147 8.71 23.67 16.45
CA ASN B 147 7.90 24.56 15.63
C ASN B 147 8.61 24.90 14.32
N GLU B 148 9.92 25.13 14.41
CA GLU B 148 10.71 25.43 13.22
C GLU B 148 10.54 24.31 12.18
N ILE B 149 10.63 23.06 12.63
CA ILE B 149 10.48 21.92 11.75
C ILE B 149 9.10 21.98 11.09
N VAL B 150 8.09 22.27 11.90
CA VAL B 150 6.74 22.35 11.34
C VAL B 150 6.71 23.44 10.27
N LYS B 151 7.34 24.58 10.57
CA LYS B 151 7.33 25.71 9.64
C LYS B 151 7.97 25.29 8.33
N LEU B 152 9.03 24.47 8.43
CA LEU B 152 9.72 24.06 7.23
C LEU B 152 8.75 23.30 6.35
N ILE B 153 7.98 22.40 6.98
CA ILE B 153 7.02 21.61 6.25
C ILE B 153 5.93 22.51 5.69
N MSE B 154 5.53 23.52 6.46
CA MSE B 154 4.48 24.42 5.98
C MSE B 154 4.96 25.27 4.80
O MSE B 154 4.17 25.86 4.08
CB MSE B 154 3.94 25.30 7.10
CG MSE B 154 2.96 24.62 8.04
SE MSE B 154 1.35 23.90 7.16
CE MSE B 154 0.03 24.50 8.47
N THR B 155 6.28 25.29 4.58
CA THR B 155 6.89 26.10 3.54
C THR B 155 6.98 25.34 2.22
N PRO B 156 6.28 25.84 1.18
CA PRO B 156 6.31 25.21 -0.14
C PRO B 156 7.75 25.09 -0.66
N GLU B 157 8.07 24.00 -1.37
CA GLU B 157 9.44 23.72 -1.83
C GLU B 157 10.01 24.77 -2.81
N LYS B 158 9.17 25.26 -3.72
CA LYS B 158 9.59 26.22 -4.73
C LYS B 158 10.11 27.48 -4.03
N GLU B 159 9.50 27.77 -2.88
CA GLU B 159 9.82 28.92 -2.03
C GLU B 159 11.19 28.82 -1.33
N ILE B 160 11.80 27.63 -1.35
CA ILE B 160 13.10 27.47 -0.69
C ILE B 160 14.18 27.00 -1.65
N GLU B 161 13.96 27.26 -2.93
CA GLU B 161 14.88 26.90 -3.99
C GLU B 161 16.28 27.42 -3.73
N GLY B 162 17.26 26.52 -3.80
CA GLY B 162 18.67 26.88 -3.58
C GLY B 162 19.04 27.18 -2.14
N GLN B 163 18.04 27.39 -1.28
CA GLN B 163 18.23 27.77 0.11
C GLN B 163 18.94 26.66 0.91
N THR B 164 19.64 27.02 1.99
CA THR B 164 20.36 26.03 2.82
C THR B 164 19.73 25.84 4.20
N ILE B 165 20.05 24.72 4.82
CA ILE B 165 19.57 24.40 6.16
C ILE B 165 19.99 25.46 7.15
N GLU B 166 21.25 25.87 7.03
CA GLU B 166 21.89 26.84 7.91
C GLU B 166 21.19 28.18 7.81
N GLU B 167 20.65 28.43 6.62
CA GLU B 167 19.95 29.66 6.30
C GLU B 167 18.55 29.68 6.90
N PHE B 168 17.99 28.51 7.17
CA PHE B 168 16.62 28.41 7.70
C PHE B 168 16.52 28.30 9.22
N PHE B 169 17.38 27.48 9.81
CA PHE B 169 17.24 27.07 11.21
C PHE B 169 18.08 27.94 12.17
N SER B 170 17.56 28.12 13.38
CA SER B 170 18.22 28.89 14.43
C SER B 170 19.45 28.16 14.97
N ASP B 171 20.32 28.87 15.70
CA ASP B 171 21.51 28.26 16.31
C ASP B 171 21.08 27.23 17.39
N GLU B 172 19.99 27.58 18.04
CA GLU B 172 19.46 26.78 19.14
C GLU B 172 19.02 25.46 18.58
N PHE B 173 18.43 25.48 17.39
CA PHE B 173 18.00 24.26 16.73
C PHE B 173 19.20 23.36 16.51
N PHE B 174 20.31 23.97 16.07
CA PHE B 174 21.50 23.20 15.77
C PHE B 174 22.16 22.64 17.01
N LYS B 175 21.78 23.15 18.17
CA LYS B 175 22.28 22.54 19.41
C LYS B 175 21.42 21.36 19.91
N THR B 176 20.25 21.16 19.32
CA THR B 176 19.38 20.06 19.76
C THR B 176 19.92 18.66 19.45
N ASN B 177 19.49 17.69 20.25
CA ASN B 177 19.77 16.28 20.02
C ASN B 177 19.21 15.88 18.66
N PHE B 178 18.06 16.46 18.32
CA PHE B 178 17.42 16.16 17.06
C PHE B 178 18.43 16.40 15.92
N TRP B 179 19.09 17.56 15.92
CA TRP B 179 20.06 17.83 14.88
C TRP B 179 21.26 16.87 14.88
N THR B 180 21.72 16.46 16.06
CA THR B 180 22.83 15.49 16.13
C THR B 180 22.43 14.16 15.46
N TYR B 181 21.24 13.66 15.84
CA TYR B 181 20.68 12.44 15.24
C TYR B 181 20.56 12.56 13.73
N TRP B 182 19.87 13.63 13.30
CA TRP B 182 19.56 13.90 11.89
C TRP B 182 20.80 14.06 11.00
N SER B 183 21.67 14.99 11.38
CA SER B 183 22.88 15.27 10.65
C SER B 183 23.75 14.05 10.55
N THR B 184 23.98 13.37 11.68
CA THR B 184 24.90 12.22 11.61
C THR B 184 24.32 11.03 10.86
N MSE B 185 23.06 10.70 11.10
CA MSE B 185 22.49 9.50 10.50
C MSE B 185 22.25 9.71 9.02
O MSE B 185 22.30 8.76 8.24
CB MSE B 185 21.19 9.07 11.22
CG MSE B 185 19.95 9.84 10.79
SE MSE B 185 18.42 9.52 11.92
CE MSE B 185 18.00 7.79 11.22
N PHE B 186 22.00 10.95 8.60
CA PHE B 186 21.69 11.18 7.16
C PHE B 186 22.82 11.85 6.38
N ALA B 187 23.90 12.22 7.07
CA ALA B 187 24.99 12.96 6.48
C ALA B 187 24.53 14.30 5.91
N PHE B 188 23.69 15.01 6.67
CA PHE B 188 23.30 16.37 6.32
C PHE B 188 24.26 17.38 6.93
N GLU B 189 24.99 18.11 6.10
CA GLU B 189 25.80 19.23 6.57
C GLU B 189 24.92 20.48 6.57
N LYS B 190 25.33 21.49 7.32
CA LYS B 190 24.59 22.72 7.50
C LYS B 190 24.43 23.53 6.20
N TRP B 191 25.39 23.36 5.28
CA TRP B 191 25.34 24.09 4.02
C TRP B 191 24.58 23.34 2.92
N HIS B 192 23.93 22.24 3.29
CA HIS B 192 23.23 21.38 2.33
C HIS B 192 21.83 21.88 1.95
N SER B 193 21.19 21.16 1.03
CA SER B 193 19.87 21.54 0.52
C SER B 193 18.79 21.56 1.59
N LEU B 194 18.19 22.74 1.82
CA LEU B 194 17.05 22.81 2.74
C LEU B 194 15.85 22.05 2.16
N ALA B 195 15.69 22.12 0.84
CA ALA B 195 14.59 21.46 0.18
C ALA B 195 14.69 19.95 0.38
N GLU B 196 15.89 19.42 0.24
CA GLU B 196 16.11 17.99 0.47
C GLU B 196 15.86 17.59 1.92
N MSE B 197 16.29 18.43 2.87
CA MSE B 197 16.01 18.20 4.30
C MSE B 197 14.52 18.05 4.52
O MSE B 197 14.07 17.10 5.16
CB MSE B 197 16.54 19.35 5.16
CG MSE B 197 15.92 19.42 6.56
SE MSE B 197 17.31 19.71 7.92
CE MSE B 197 16.22 19.82 9.54
N ARG B 198 13.78 19.00 3.97
CA ARG B 198 12.33 19.03 4.07
C ARG B 198 11.74 17.74 3.50
N ARG B 199 12.28 17.32 2.36
CA ARG B 199 11.85 16.06 1.74
C ARG B 199 12.08 14.88 2.67
N TYR B 200 13.21 14.86 3.37
CA TYR B 200 13.47 13.80 4.33
C TYR B 200 12.46 13.86 5.48
N ALA B 201 12.14 15.07 5.92
CA ALA B 201 11.21 15.24 7.05
C ALA B 201 9.83 14.70 6.70
N MSE B 202 9.34 15.04 5.51
CA MSE B 202 8.04 14.53 5.04
C MSE B 202 8.08 13.03 4.77
O MSE B 202 7.20 12.28 5.21
CB MSE B 202 7.60 15.28 3.76
CG MSE B 202 7.56 16.80 3.89
SE MSE B 202 7.12 17.73 2.23
CE MSE B 202 5.18 17.63 2.33
N ARG B 203 9.10 12.59 4.04
CA ARG B 203 9.25 11.20 3.63
C ARG B 203 9.33 10.20 4.80
N PHE B 204 10.12 10.51 5.83
CA PHE B 204 10.31 9.52 6.89
C PHE B 204 9.56 9.86 8.16
N ILE B 205 8.49 10.63 8.02
CA ILE B 205 7.69 11.04 9.17
C ILE B 205 7.14 9.85 9.94
N HIS B 206 6.85 8.74 9.24
CA HIS B 206 6.32 7.56 9.90
C HIS B 206 7.31 6.87 10.82
N HIS B 207 8.58 7.26 10.76
CA HIS B 207 9.61 6.65 11.59
C HIS B 207 10.14 7.57 12.67
N ILE B 208 9.44 8.67 12.93
CA ILE B 208 9.90 9.59 13.96
C ILE B 208 9.96 8.92 15.34
N ASP B 209 9.18 7.85 15.51
CA ASP B 209 9.22 7.08 16.74
C ASP B 209 10.49 6.23 16.89
N GLY B 210 11.24 6.01 15.80
CA GLY B 210 12.37 5.10 15.84
C GLY B 210 13.72 5.60 15.35
N LEU B 211 13.88 6.91 15.24
CA LEU B 211 15.17 7.46 14.82
C LEU B 211 16.25 7.44 15.90
N PRO B 212 15.92 7.87 17.15
CA PRO B 212 16.98 7.86 18.17
C PRO B 212 17.54 6.46 18.48
N ASP B 213 16.68 5.45 18.54
CA ASP B 213 17.15 4.10 18.83
C ASP B 213 17.32 3.25 17.58
N PHE B 214 17.11 3.86 16.42
CA PHE B 214 17.29 3.18 15.14
C PHE B 214 16.38 1.95 14.92
N THR B 215 15.27 1.85 15.66
CA THR B 215 14.35 0.73 15.43
C THR B 215 13.67 0.84 14.08
N ALA B 216 13.74 2.03 13.50
CA ALA B 216 13.24 2.29 12.15
C ALA B 216 14.10 1.67 11.05
N LEU B 217 15.37 1.43 11.33
CA LEU B 217 16.32 0.92 10.32
C LEU B 217 16.26 -0.56 10.14
N LYS B 218 16.50 -1.01 8.91
CA LYS B 218 16.64 -2.43 8.61
C LYS B 218 17.91 -2.65 7.80
N PHE B 219 18.54 -3.82 7.96
CA PHE B 219 19.83 -4.05 7.31
C PHE B 219 19.91 -5.39 6.59
N ASN B 220 20.77 -5.44 5.56
CA ASN B 220 21.08 -6.69 4.87
C ASN B 220 21.89 -7.60 5.78
N LYS B 221 21.98 -8.88 5.42
CA LYS B 221 22.80 -9.81 6.15
C LYS B 221 24.26 -9.39 6.10
N TYR B 222 24.70 -8.99 4.92
CA TYR B 222 26.10 -8.68 4.68
C TYR B 222 26.26 -7.31 4.07
N ASN B 223 27.51 -7.02 3.70
CA ASN B 223 27.85 -5.79 3.01
C ASN B 223 27.06 -5.77 1.72
N GLN B 224 26.96 -4.58 1.13
CA GLN B 224 26.09 -4.36 -0.01
C GLN B 224 26.37 -5.29 -1.18
N TYR B 225 27.64 -5.60 -1.43
CA TYR B 225 27.96 -6.43 -2.59
C TYR B 225 27.44 -7.86 -2.46
N GLU B 226 27.66 -8.51 -1.33
CA GLU B 226 27.18 -9.88 -1.15
C GLU B 226 25.65 -10.00 -1.09
N SER B 227 25.01 -9.11 -0.33
CA SER B 227 23.57 -9.18 -0.10
C SER B 227 22.70 -8.56 -1.20
N MSE B 228 23.13 -7.44 -1.78
CA MSE B 228 22.30 -6.68 -2.73
C MSE B 228 22.68 -6.82 -4.19
O MSE B 228 21.80 -6.70 -5.06
CB MSE B 228 22.27 -5.19 -2.36
CG MSE B 228 21.09 -4.76 -1.48
SE MSE B 228 21.46 -3.11 -0.48
CE MSE B 228 21.20 -1.81 -1.89
N VAL B 229 23.95 -7.07 -4.49
CA VAL B 229 24.38 -7.11 -5.88
C VAL B 229 24.43 -8.54 -6.45
N LYS B 230 25.02 -9.45 -5.69
CA LYS B 230 25.18 -10.85 -6.12
C LYS B 230 23.85 -11.56 -6.47
N PRO B 231 22.80 -11.39 -5.64
CA PRO B 231 21.52 -12.01 -6.05
C PRO B 231 20.95 -11.40 -7.33
N LEU B 232 21.12 -10.09 -7.51
CA LEU B 232 20.67 -9.45 -8.73
C LEU B 232 21.46 -10.06 -9.88
N LEU B 233 22.78 -10.10 -9.74
CA LEU B 233 23.64 -10.56 -10.81
C LEU B 233 23.31 -12.00 -11.21
N ALA B 234 23.07 -12.85 -10.22
CA ALA B 234 22.75 -14.25 -10.47
C ALA B 234 21.43 -14.32 -11.25
N TYR B 235 20.48 -13.48 -10.82
CA TYR B 235 19.18 -13.41 -11.50
C TYR B 235 19.37 -13.06 -12.97
N LEU B 236 20.14 -12.01 -13.22
CA LEU B 236 20.39 -11.56 -14.58
C LEU B 236 21.13 -12.61 -15.42
N LYS B 237 22.12 -13.29 -14.84
CA LYS B 237 22.83 -14.35 -15.55
C LYS B 237 21.88 -15.49 -15.92
N ASP B 238 20.98 -15.79 -15.00
CA ASP B 238 19.95 -16.80 -15.22
C ASP B 238 19.03 -16.39 -16.36
N HIS B 239 18.84 -15.08 -16.52
CA HIS B 239 18.00 -14.57 -17.59
C HIS B 239 18.82 -14.12 -18.81
N GLY B 240 20.09 -14.49 -18.84
CA GLY B 240 20.92 -14.30 -20.01
C GLY B 240 21.15 -12.86 -20.43
N VAL B 241 21.26 -11.97 -19.45
CA VAL B 241 21.61 -10.58 -19.73
C VAL B 241 23.07 -10.50 -20.14
N GLN B 242 23.45 -9.49 -20.92
CA GLN B 242 24.82 -9.42 -21.43
C GLN B 242 25.68 -8.46 -20.63
N PHE B 243 26.76 -9.00 -20.08
CA PHE B 243 27.73 -8.25 -19.29
C PHE B 243 28.98 -7.94 -20.09
N GLU B 244 29.29 -6.64 -20.17
CA GLU B 244 30.49 -6.15 -20.83
C GLU B 244 31.48 -5.56 -19.84
N TYR B 245 32.70 -6.10 -19.84
CA TYR B 245 33.70 -5.71 -18.87
C TYR B 245 34.77 -4.78 -19.45
N ASP B 246 35.43 -4.01 -18.58
CA ASP B 246 36.50 -3.09 -18.96
C ASP B 246 36.08 -2.07 -20.04
N CYS B 247 34.88 -1.50 -19.90
CA CYS B 247 34.35 -0.55 -20.90
C CYS B 247 34.34 0.88 -20.35
N HIS B 248 34.78 1.85 -21.14
CA HIS B 248 34.84 3.22 -20.63
C HIS B 248 34.17 4.24 -21.57
N VAL B 249 32.92 4.58 -21.24
CA VAL B 249 32.08 5.45 -22.09
C VAL B 249 32.42 6.93 -22.00
N LYS B 250 32.43 7.61 -23.15
CA LYS B 250 32.88 9.02 -23.23
C LYS B 250 31.84 10.14 -23.51
N ASN B 251 30.76 9.89 -24.25
CA ASN B 251 29.71 10.90 -24.51
C ASN B 251 28.41 10.37 -25.20
N VAL B 252 27.34 11.16 -25.20
CA VAL B 252 26.12 10.92 -26.00
C VAL B 252 25.60 12.21 -26.68
N GLU B 253 25.32 12.12 -27.98
CA GLU B 253 24.95 13.23 -28.85
C GLU B 253 23.45 13.22 -29.27
N VAL B 254 22.81 14.38 -29.17
CA VAL B 254 21.36 14.53 -29.32
C VAL B 254 20.92 15.62 -30.33
N ASP B 255 19.86 15.34 -31.08
CA ASP B 255 19.31 16.26 -32.07
C ASP B 255 17.98 16.83 -31.63
N HIS B 256 17.68 18.03 -32.12
CA HIS B 256 16.40 18.69 -31.84
C HIS B 256 15.58 18.78 -33.11
N GLU B 257 14.41 18.15 -33.09
CA GLU B 257 13.51 18.20 -34.22
C GLU B 257 12.20 18.79 -33.72
N GLY B 258 11.95 20.04 -34.12
CA GLY B 258 10.85 20.80 -33.54
C GLY B 258 11.04 20.88 -32.03
N ASP B 259 9.99 20.50 -31.31
CA ASP B 259 10.07 20.44 -29.86
C ASP B 259 10.54 19.08 -29.39
N SER B 260 10.66 18.13 -30.32
CA SER B 260 11.14 16.78 -29.97
C SER B 260 12.64 16.78 -29.74
N LYS B 261 13.11 15.86 -28.90
CA LYS B 261 14.53 15.66 -28.68
C LYS B 261 14.85 14.18 -28.88
N ILE B 262 15.89 13.88 -29.65
CA ILE B 262 16.21 12.49 -29.93
C ILE B 262 17.69 12.21 -29.69
N ALA B 263 18.01 11.04 -29.14
CA ALA B 263 19.42 10.69 -29.02
C ALA B 263 19.81 10.05 -30.31
N LYS B 264 20.73 10.68 -31.03
CA LYS B 264 21.18 10.17 -32.32
C LYS B 264 22.42 9.30 -32.17
N LYS B 265 23.35 9.70 -31.32
CA LYS B 265 24.67 9.06 -31.34
C LYS B 265 25.29 8.90 -29.94
N ILE B 266 26.05 7.82 -29.73
CA ILE B 266 26.89 7.67 -28.53
C ILE B 266 28.37 7.51 -28.91
N VAL B 267 29.28 8.29 -28.34
CA VAL B 267 30.72 8.05 -28.57
C VAL B 267 31.42 7.49 -27.32
N MSE B 268 32.37 6.56 -27.49
CA MSE B 268 33.04 5.93 -26.33
C MSE B 268 34.37 5.18 -26.60
O MSE B 268 34.87 5.18 -27.74
CB MSE B 268 32.07 4.97 -25.62
CG MSE B 268 32.06 3.55 -26.19
SE MSE B 268 30.52 2.51 -25.58
CE MSE B 268 31.42 0.81 -25.24
N THR B 269 34.93 4.57 -25.56
CA THR B 269 36.19 3.81 -25.66
C THR B 269 36.17 2.57 -24.75
N GLN B 270 36.49 1.40 -25.31
CA GLN B 270 36.46 0.13 -24.56
C GLN B 270 37.71 -0.75 -24.68
N ASN B 271 38.10 -1.40 -23.58
CA ASN B 271 39.21 -2.36 -23.56
C ASN B 271 40.55 -1.71 -23.91
N GLY B 272 41.00 -1.87 -25.16
CA GLY B 272 42.16 -1.13 -25.60
C GLY B 272 41.87 -0.29 -26.83
N LYS B 273 40.62 -0.33 -27.28
CA LYS B 273 40.21 0.32 -28.53
C LYS B 273 39.02 1.30 -28.42
N ASP B 274 39.07 2.36 -29.21
CA ASP B 274 37.97 3.32 -29.38
C ASP B 274 36.75 2.69 -30.09
N LYS B 275 35.54 3.18 -29.78
CA LYS B 275 34.30 2.70 -30.44
C LYS B 275 33.23 3.80 -30.60
N GLU B 276 32.20 3.55 -31.42
CA GLU B 276 31.10 4.50 -31.61
C GLU B 276 29.79 3.73 -31.82
N ILE B 277 28.66 4.33 -31.46
CA ILE B 277 27.34 3.73 -31.73
C ILE B 277 26.21 4.70 -32.13
N ASP B 278 25.80 4.64 -33.39
CA ASP B 278 24.63 5.37 -33.87
C ASP B 278 23.42 4.63 -33.31
N LEU B 279 22.30 5.30 -33.13
CA LEU B 279 21.22 4.63 -32.44
C LEU B 279 19.88 4.58 -33.09
N THR B 280 19.31 3.38 -33.05
CA THR B 280 17.92 3.17 -33.39
C THR B 280 17.15 3.68 -32.19
N HIS B 281 15.89 4.03 -32.39
CA HIS B 281 15.01 4.37 -31.29
C HIS B 281 14.75 3.12 -30.48
N ASN B 282 14.91 1.96 -31.12
CA ASN B 282 14.64 0.71 -30.47
C ASN B 282 15.79 0.26 -29.58
N ASP B 283 16.93 0.96 -29.71
CA ASP B 283 18.00 0.80 -28.74
C ASP B 283 17.80 1.85 -27.65
N ILE B 284 17.68 1.39 -26.41
CA ILE B 284 17.36 2.28 -25.32
C ILE B 284 18.56 2.52 -24.42
N VAL B 285 18.86 3.79 -24.15
CA VAL B 285 20.02 4.13 -23.36
C VAL B 285 19.68 4.80 -22.04
N PHE B 286 20.18 4.21 -20.96
CA PHE B 286 20.02 4.77 -19.63
C PHE B 286 21.39 5.10 -19.01
N VAL B 287 21.56 6.34 -18.57
CA VAL B 287 22.85 6.77 -18.03
C VAL B 287 22.81 6.93 -16.51
N THR B 288 23.51 6.05 -15.80
CA THR B 288 23.64 6.23 -14.35
C THR B 288 24.65 7.35 -14.21
N ASN B 289 24.16 8.58 -14.31
CA ASN B 289 25.03 9.76 -14.33
C ASN B 289 25.51 10.20 -12.93
N GLY B 290 26.76 10.62 -12.85
CA GLY B 290 27.31 11.06 -11.58
C GLY B 290 27.76 9.85 -10.79
N SER B 291 28.61 10.10 -9.80
CA SER B 291 29.06 9.04 -8.92
C SER B 291 29.49 9.68 -7.60
N ILE B 292 29.35 8.96 -6.51
CA ILE B 292 29.84 9.43 -5.23
C ILE B 292 30.95 8.51 -4.73
N THR B 293 31.19 7.46 -5.51
CA THR B 293 32.18 6.44 -5.18
C THR B 293 33.46 6.57 -6.02
N GLU B 294 33.39 7.33 -7.11
CA GLU B 294 34.51 7.50 -8.03
C GLU B 294 35.68 8.23 -7.36
N SER B 295 36.90 7.88 -7.75
CA SER B 295 38.12 8.51 -7.23
C SER B 295 38.46 8.11 -5.79
N SER B 296 37.82 7.06 -5.29
CA SER B 296 38.10 6.57 -3.95
C SER B 296 39.55 6.10 -3.86
N THR B 297 40.24 6.49 -2.79
CA THR B 297 41.62 6.09 -2.59
C THR B 297 41.79 5.33 -1.30
N TYR B 298 42.89 4.59 -1.21
CA TYR B 298 43.12 3.71 -0.07
C TYR B 298 44.36 4.07 0.73
N GLY B 299 44.38 3.60 1.97
CA GLY B 299 45.53 3.73 2.85
C GLY B 299 45.59 2.39 3.54
N ASP B 300 46.35 2.27 4.62
CA ASP B 300 46.29 1.05 5.41
C ASP B 300 46.64 1.34 6.86
N GLN B 301 46.99 0.31 7.61
CA GLN B 301 47.27 0.45 9.03
C GLN B 301 48.34 1.50 9.25
N ASN B 302 49.27 1.60 8.31
CA ASN B 302 50.39 2.52 8.42
C ASN B 302 50.45 3.63 7.33
N THR B 303 49.36 3.82 6.59
CA THR B 303 49.29 4.79 5.47
C THR B 303 47.90 5.47 5.28
N PRO B 304 47.89 6.81 5.08
CA PRO B 304 46.74 7.69 4.72
C PRO B 304 46.25 7.69 3.25
N ALA B 305 45.32 8.61 2.94
CA ALA B 305 44.76 8.81 1.58
C ALA B 305 44.66 10.32 1.13
N PRO B 306 44.86 10.63 -0.17
CA PRO B 306 45.01 11.98 -0.78
C PRO B 306 43.79 12.80 -1.28
N ILE B 307 43.78 14.10 -0.95
CA ILE B 307 42.75 15.08 -1.34
C ILE B 307 42.63 15.36 -2.86
N THR B 308 41.39 15.46 -3.35
CA THR B 308 41.16 15.75 -4.77
C THR B 308 39.86 16.51 -5.10
N ASN B 309 39.83 17.16 -6.26
CA ASN B 309 38.54 17.52 -6.89
C ASN B 309 38.48 17.00 -8.34
N ALA B 310 39.22 15.93 -8.60
CA ALA B 310 39.31 15.34 -9.94
C ALA B 310 37.93 14.92 -10.40
N LYS B 311 37.66 15.14 -11.67
CA LYS B 311 36.42 14.69 -12.26
C LYS B 311 36.62 13.36 -12.98
N GLY B 312 35.57 12.93 -13.66
CA GLY B 312 35.58 11.63 -14.29
C GLY B 312 34.52 11.48 -15.36
N ASP B 313 34.31 10.24 -15.78
CA ASP B 313 33.44 9.93 -16.89
C ASP B 313 32.07 10.53 -16.66
N SER B 314 31.45 10.20 -15.52
CA SER B 314 30.09 10.63 -15.25
C SER B 314 29.91 12.14 -15.33
N TRP B 315 30.79 12.87 -14.65
CA TRP B 315 30.73 14.32 -14.56
C TRP B 315 30.94 15.00 -15.92
N LYS B 316 31.89 14.49 -16.69
CA LYS B 316 32.21 15.01 -18.01
C LYS B 316 31.04 14.79 -18.98
N LEU B 317 30.50 13.58 -18.92
CA LEU B 317 29.41 13.16 -19.79
C LEU B 317 28.28 14.12 -19.54
N TRP B 318 28.07 14.35 -18.26
CA TRP B 318 26.98 15.17 -17.80
C TRP B 318 27.17 16.64 -18.23
N GLU B 319 28.41 17.12 -18.19
CA GLU B 319 28.68 18.47 -18.76
C GLU B 319 28.45 18.57 -20.28
N ASN B 320 28.84 17.55 -21.04
CA ASN B 320 28.58 17.56 -22.48
C ASN B 320 27.08 17.64 -22.71
N LEU B 321 26.38 16.83 -21.93
CA LEU B 321 24.96 16.69 -22.08
C LEU B 321 24.28 18.02 -21.75
N ALA B 322 24.76 18.70 -20.70
CA ALA B 322 24.23 20.00 -20.35
C ALA B 322 24.50 20.98 -21.49
N LYS B 323 25.64 20.80 -22.15
CA LYS B 323 26.02 21.64 -23.28
C LYS B 323 25.00 21.51 -24.41
N GLN B 324 24.58 20.28 -24.68
CA GLN B 324 23.67 19.99 -25.81
C GLN B 324 22.26 20.60 -25.70
N ASP B 325 21.66 20.54 -24.51
CA ASP B 325 20.35 21.11 -24.27
C ASP B 325 20.37 21.57 -22.81
N PRO B 326 19.64 22.64 -22.48
CA PRO B 326 19.60 23.01 -21.05
C PRO B 326 18.98 21.90 -20.20
N ALA B 327 18.17 21.05 -20.81
CA ALA B 327 17.33 20.13 -20.06
C ALA B 327 18.13 19.01 -19.40
N PHE B 328 19.44 18.98 -19.67
CA PHE B 328 20.29 17.95 -19.10
C PHE B 328 20.94 18.37 -17.77
N GLY B 329 20.51 19.52 -17.25
CA GLY B 329 20.92 19.95 -15.92
C GLY B 329 22.15 20.84 -15.85
N HIS B 330 22.53 21.21 -14.62
CA HIS B 330 23.71 22.03 -14.40
C HIS B 330 24.57 21.23 -13.38
N PRO B 331 25.37 20.26 -13.86
CA PRO B 331 26.12 19.26 -13.07
C PRO B 331 27.22 19.70 -12.09
N ASP B 332 27.92 20.77 -12.40
CA ASP B 332 29.12 21.15 -11.66
C ASP B 332 28.79 21.31 -10.17
N VAL B 333 27.54 21.70 -9.91
CA VAL B 333 27.00 21.98 -8.58
C VAL B 333 27.17 20.81 -7.63
N PHE B 334 27.21 19.63 -8.21
CA PHE B 334 27.36 18.44 -7.41
C PHE B 334 28.80 18.00 -7.19
N CYS B 335 29.69 18.25 -8.16
CA CYS B 335 31.06 17.76 -8.04
C CYS B 335 32.11 18.87 -7.84
N GLU B 336 31.67 20.11 -7.76
CA GLU B 336 32.58 21.24 -7.63
C GLU B 336 32.34 22.06 -6.37
N ASN B 337 33.43 22.51 -5.75
CA ASN B 337 33.40 23.45 -4.62
C ASN B 337 32.89 22.85 -3.32
N LEU B 338 33.15 21.57 -3.10
CA LEU B 338 32.82 20.93 -1.83
C LEU B 338 33.80 21.44 -0.76
N PRO B 339 33.28 21.84 0.41
CA PRO B 339 34.11 22.41 1.49
C PRO B 339 35.11 21.40 2.04
N GLU B 340 36.24 21.88 2.57
CA GLU B 340 37.22 21.03 3.25
C GLU B 340 36.56 20.40 4.48
N ARG B 341 35.57 21.12 5.01
CA ARG B 341 34.76 20.66 6.13
C ARG B 341 33.98 19.38 5.79
N SER B 342 33.61 19.23 4.52
CA SER B 342 32.78 18.10 4.07
C SER B 342 33.25 16.74 4.54
N TRP B 343 32.30 15.85 4.82
CA TRP B 343 32.62 14.44 4.98
C TRP B 343 33.32 14.00 3.70
N PHE B 344 34.48 13.38 3.83
CA PHE B 344 35.26 12.88 2.69
C PHE B 344 35.73 11.49 3.00
N VAL B 345 36.14 11.31 4.26
CA VAL B 345 36.82 10.10 4.67
C VAL B 345 35.90 9.12 5.37
N SER B 346 36.00 7.86 4.96
CA SER B 346 35.35 6.78 5.67
C SER B 346 36.40 5.71 5.77
N ALA B 347 36.44 5.01 6.89
CA ALA B 347 37.45 4.00 7.11
C ALA B 347 36.82 2.73 7.66
N THR B 348 37.51 1.61 7.46
CA THR B 348 37.13 0.33 8.03
C THR B 348 38.20 -0.15 9.03
N ALA B 349 37.79 -0.71 10.16
CA ALA B 349 38.74 -1.24 11.15
C ALA B 349 38.39 -2.66 11.57
N THR B 350 39.28 -3.60 11.24
CA THR B 350 39.09 -5.01 11.57
C THR B 350 39.77 -5.40 12.88
N LEU B 351 39.00 -5.88 13.84
CA LEU B 351 39.57 -6.33 15.11
C LEU B 351 40.01 -7.80 14.99
N GLU B 352 41.29 -8.05 15.23
CA GLU B 352 41.86 -9.39 15.09
C GLU B 352 41.69 -10.23 16.34
N ASN B 353 41.26 -9.59 17.43
CA ASN B 353 41.08 -10.27 18.71
C ASN B 353 39.99 -9.66 19.58
N LYS B 354 39.83 -10.18 20.78
CA LYS B 354 38.80 -9.69 21.69
C LYS B 354 39.36 -8.66 22.66
N LYS B 355 40.49 -8.05 22.33
CA LYS B 355 41.10 -7.10 23.26
C LYS B 355 40.37 -5.77 23.37
N LEU B 356 39.80 -5.30 22.26
CA LEU B 356 39.05 -4.05 22.29
C LEU B 356 37.55 -4.25 22.30
N ALA B 357 37.13 -5.52 22.36
CA ALA B 357 35.72 -5.88 22.35
C ALA B 357 34.95 -5.28 23.53
N PRO B 358 35.53 -5.30 24.75
CA PRO B 358 34.79 -4.75 25.89
C PRO B 358 34.37 -3.29 25.80
N TYR B 359 35.12 -2.44 25.11
CA TYR B 359 34.73 -1.03 25.04
C TYR B 359 33.41 -0.82 24.28
N PHE B 360 33.36 -1.45 23.11
CA PHE B 360 32.16 -1.45 22.28
C PHE B 360 31.03 -2.17 22.98
N GLU B 361 31.34 -3.33 23.56
CA GLU B 361 30.33 -4.17 24.20
C GLU B 361 29.70 -3.49 25.41
N ARG B 362 30.53 -2.73 26.12
CA ARG B 362 30.09 -1.92 27.24
C ARG B 362 29.17 -0.83 26.72
N LEU B 363 29.45 -0.31 25.53
CA LEU B 363 28.46 0.60 24.93
C LEU B 363 27.12 -0.08 24.59
N THR B 364 27.18 -1.24 23.94
CA THR B 364 25.98 -1.87 23.39
C THR B 364 25.24 -2.82 24.32
N LYS B 365 25.88 -3.19 25.43
CA LYS B 365 25.34 -4.18 26.36
C LYS B 365 25.04 -5.52 25.68
N ARG B 366 25.73 -5.79 24.57
CA ARG B 366 25.58 -7.03 23.84
C ARG B 366 26.95 -7.59 23.48
N SER B 367 27.02 -8.91 23.34
CA SER B 367 28.24 -9.57 22.91
C SER B 367 28.51 -9.31 21.42
N LEU B 368 29.76 -9.09 21.06
CA LEU B 368 30.15 -8.92 19.66
C LEU B 368 30.17 -10.23 18.88
N TYR B 369 30.04 -11.35 19.59
CA TYR B 369 30.32 -12.65 18.97
C TYR B 369 29.16 -13.65 18.85
N ASP B 370 27.92 -13.15 18.91
CA ASP B 370 26.74 -14.00 18.79
C ASP B 370 26.10 -13.96 17.40
N GLY B 371 26.73 -13.22 16.49
CA GLY B 371 26.27 -13.12 15.11
C GLY B 371 25.12 -12.14 14.97
N LYS B 372 24.73 -11.52 16.08
CA LYS B 372 23.57 -10.63 16.06
C LYS B 372 23.91 -9.14 15.95
N VAL B 373 22.86 -8.30 15.88
CA VAL B 373 23.02 -6.86 15.69
C VAL B 373 23.84 -6.29 16.85
N ASN B 374 24.69 -5.31 16.56
CA ASN B 374 25.58 -4.78 17.61
C ASN B 374 25.25 -3.34 18.01
N THR B 375 25.86 -2.37 17.33
CA THR B 375 25.55 -0.95 17.57
C THR B 375 24.17 -0.56 17.04
N GLY B 376 23.64 -1.42 16.15
CA GLY B 376 22.36 -1.18 15.51
C GLY B 376 22.31 0.10 14.72
N GLY B 377 23.43 0.45 14.11
CA GLY B 377 23.60 1.71 13.40
C GLY B 377 24.69 2.55 14.05
N ILE B 378 24.93 3.77 13.56
CA ILE B 378 26.06 4.56 14.05
C ILE B 378 25.93 5.03 15.49
N ILE B 379 27.06 5.05 16.19
CA ILE B 379 27.21 5.69 17.49
C ILE B 379 28.03 6.94 17.23
N THR B 380 27.51 8.09 17.66
CA THR B 380 28.19 9.37 17.45
C THR B 380 28.83 9.85 18.75
N ILE B 381 30.10 10.22 18.65
CA ILE B 381 30.80 10.83 19.76
C ILE B 381 30.56 12.33 19.63
N VAL B 382 29.65 12.85 20.47
CA VAL B 382 29.15 14.22 20.32
C VAL B 382 30.19 15.30 20.67
N ASP B 383 31.11 15.00 21.59
CA ASP B 383 32.16 15.96 21.89
C ASP B 383 33.44 15.69 21.09
N SER B 384 33.33 14.92 20.02
CA SER B 384 34.50 14.73 19.15
C SER B 384 34.61 15.88 18.15
N ASN B 385 35.84 16.37 17.95
CA ASN B 385 36.05 17.47 17.00
C ASN B 385 35.77 17.09 15.56
N TRP B 386 35.88 15.80 15.24
CA TRP B 386 35.62 15.32 13.88
C TRP B 386 34.13 15.05 13.68
N GLU B 387 33.36 15.11 14.76
CA GLU B 387 32.01 14.53 14.78
C GLU B 387 32.16 13.09 14.31
N LEU B 388 32.95 12.33 15.04
CA LEU B 388 33.26 10.95 14.65
C LEU B 388 32.06 10.07 14.99
N SER B 389 31.59 9.31 14.00
CA SER B 389 30.58 8.28 14.25
C SER B 389 31.15 6.95 13.80
N PHE B 390 30.65 5.87 14.39
CA PHE B 390 31.06 4.53 14.01
C PHE B 390 29.93 3.52 14.16
N THR B 391 29.98 2.42 13.39
CA THR B 391 28.96 1.39 13.52
C THR B 391 29.56 -0.01 13.37
N ILE B 392 28.98 -0.96 14.08
CA ILE B 392 29.35 -2.36 13.94
C ILE B 392 28.10 -3.15 13.58
N HIS B 393 28.03 -3.61 12.33
CA HIS B 393 26.89 -4.36 11.82
C HIS B 393 26.81 -5.73 12.48
N ARG B 394 25.73 -6.45 12.20
CA ARG B 394 25.69 -7.88 12.50
C ARG B 394 26.88 -8.55 11.81
N GLN B 395 27.49 -9.52 12.48
CA GLN B 395 28.73 -10.11 11.99
C GLN B 395 28.48 -11.57 11.63
N PRO B 396 29.21 -12.10 10.64
CA PRO B 396 30.26 -11.42 9.85
C PRO B 396 29.68 -10.42 8.86
N HIS B 397 30.40 -9.34 8.59
CA HIS B 397 29.92 -8.40 7.59
C HIS B 397 30.45 -8.84 6.25
N PHE B 398 31.57 -9.54 6.29
CA PHE B 398 32.14 -10.18 5.11
C PHE B 398 32.35 -11.65 5.44
N LYS B 399 31.96 -12.56 4.55
CA LYS B 399 32.06 -13.99 4.81
C LYS B 399 33.49 -14.49 4.98
N SER B 400 34.44 -13.74 4.46
CA SER B 400 35.86 -14.05 4.58
C SER B 400 36.32 -14.10 6.04
N GLN B 401 35.71 -13.28 6.90
CA GLN B 401 36.17 -13.11 8.28
C GLN B 401 36.29 -14.44 9.00
N ASN B 402 37.32 -14.57 9.84
CA ASN B 402 37.47 -15.73 10.71
C ASN B 402 36.58 -15.58 11.93
N PRO B 403 36.28 -16.69 12.65
CA PRO B 403 35.34 -16.61 13.78
C PRO B 403 35.66 -15.53 14.84
N ASP B 404 36.93 -15.22 15.10
CA ASP B 404 37.28 -14.16 16.06
C ASP B 404 37.28 -12.71 15.53
N GLN B 405 37.26 -12.52 14.21
CA GLN B 405 37.33 -11.16 13.63
C GLN B 405 36.03 -10.36 13.75
N ILE B 406 36.16 -9.04 13.86
CA ILE B 406 35.04 -8.10 13.86
C ILE B 406 35.37 -6.86 13.01
N VAL B 407 34.41 -6.41 12.20
CA VAL B 407 34.63 -5.26 11.33
C VAL B 407 33.83 -4.02 11.79
N VAL B 408 34.51 -2.89 11.90
CA VAL B 408 33.97 -1.63 12.43
C VAL B 408 34.03 -0.54 11.36
N TRP B 409 32.95 0.22 11.17
CA TRP B 409 32.95 1.31 10.19
C TRP B 409 33.07 2.65 10.88
N ILE B 410 33.98 3.50 10.39
CA ILE B 410 34.28 4.80 11.00
C ILE B 410 34.11 5.93 10.00
N TYR B 411 33.43 7.01 10.41
CA TYR B 411 33.25 8.17 9.54
C TYR B 411 33.39 9.47 10.32
N ALA B 412 33.83 10.52 9.64
CA ALA B 412 33.88 11.86 10.21
C ALA B 412 32.99 12.80 9.42
N LEU B 413 32.07 13.46 10.10
CA LEU B 413 31.22 14.45 9.45
C LEU B 413 32.03 15.74 9.15
N TYR B 414 33.03 16.04 9.99
CA TYR B 414 33.84 17.25 9.79
C TYR B 414 35.27 16.87 9.39
N SER B 415 35.76 17.42 8.29
CA SER B 415 37.09 17.06 7.80
C SER B 415 38.06 18.24 7.86
N ASP B 416 37.65 19.34 8.50
CA ASP B 416 38.49 20.53 8.62
C ASP B 416 38.88 20.78 10.06
N THR B 417 38.77 19.76 10.91
CA THR B 417 39.01 19.93 12.34
C THR B 417 40.12 19.03 12.80
N GLU B 418 40.89 19.55 13.75
CA GLU B 418 41.93 18.78 14.40
C GLU B 418 41.25 17.91 15.44
N GLY B 419 41.60 16.62 15.47
CA GLY B 419 41.06 15.71 16.46
C GLY B 419 41.46 16.05 17.90
N ASN B 420 40.77 15.45 18.87
CA ASN B 420 41.01 15.71 20.29
C ASN B 420 42.28 15.05 20.80
N TYR B 421 42.61 13.88 20.26
CA TYR B 421 43.79 13.17 20.70
C TYR B 421 44.85 13.19 19.59
N ILE B 422 44.45 12.82 18.38
CA ILE B 422 45.32 12.98 17.22
C ILE B 422 45.03 14.34 16.61
N LYS B 423 45.93 15.29 16.85
CA LYS B 423 45.73 16.68 16.43
C LYS B 423 45.89 16.89 14.94
N LYS B 424 45.56 15.86 14.16
CA LYS B 424 45.63 15.96 12.72
C LYS B 424 44.20 15.79 12.22
N ARG B 425 43.96 16.22 11.00
CA ARG B 425 42.69 15.98 10.35
C ARG B 425 42.54 14.50 10.10
N ILE B 426 41.29 14.04 9.98
CA ILE B 426 41.04 12.64 9.65
C ILE B 426 41.72 12.34 8.32
N VAL B 427 41.71 13.31 7.43
CA VAL B 427 42.28 13.10 6.09
C VAL B 427 43.80 12.85 6.09
N ASP B 428 44.48 13.29 7.15
CA ASP B 428 45.94 13.14 7.22
C ASP B 428 46.40 11.93 8.02
N CYS B 429 45.46 11.08 8.41
CA CYS B 429 45.77 9.97 9.30
C CYS B 429 45.91 8.65 8.56
N THR B 430 46.78 7.78 9.07
CA THR B 430 46.73 6.38 8.67
C THR B 430 45.58 5.68 9.40
N GLY B 431 45.35 4.42 9.07
CA GLY B 431 44.32 3.65 9.75
C GLY B 431 44.58 3.58 11.25
N LYS B 432 45.86 3.50 11.60
CA LYS B 432 46.27 3.45 13.00
C LYS B 432 45.84 4.72 13.73
N GLU B 433 45.99 5.88 13.12
CA GLU B 433 45.60 7.14 13.76
C GLU B 433 44.11 7.30 13.97
N ILE B 434 43.32 6.95 12.97
CA ILE B 434 41.87 7.04 13.09
C ILE B 434 41.45 6.08 14.19
N ALA B 435 42.08 4.90 14.18
CA ALA B 435 41.82 3.92 15.22
C ALA B 435 42.16 4.52 16.58
N GLU B 436 43.24 5.30 16.63
CA GLU B 436 43.73 5.95 17.86
C GLU B 436 42.77 7.00 18.40
N GLU B 437 42.26 7.85 17.52
CA GLU B 437 41.28 8.86 17.95
C GLU B 437 40.02 8.16 18.47
N LEU B 438 39.61 7.11 17.76
CA LEU B 438 38.43 6.39 18.21
C LEU B 438 38.68 5.76 19.59
N LEU B 439 39.85 5.16 19.77
CA LEU B 439 40.18 4.50 21.03
C LEU B 439 40.20 5.51 22.17
N TYR B 440 40.73 6.70 21.90
CA TYR B 440 40.74 7.76 22.91
C TYR B 440 39.31 8.06 23.29
N HIS B 441 38.47 8.22 22.28
CA HIS B 441 37.06 8.52 22.58
C HIS B 441 36.27 7.38 23.24
N LEU B 442 36.76 6.14 23.12
CA LEU B 442 36.13 4.99 23.78
C LEU B 442 36.54 4.81 25.25
N GLY B 443 37.49 5.64 25.69
CA GLY B 443 38.01 5.54 27.05
C GLY B 443 39.17 4.55 27.22
N VAL B 444 39.85 4.25 26.12
CA VAL B 444 41.04 3.42 26.23
C VAL B 444 42.14 4.26 26.88
N PRO B 445 42.81 3.72 27.91
CA PRO B 445 43.87 4.52 28.53
C PRO B 445 44.95 4.81 27.52
N GLU B 446 45.41 6.05 27.49
CA GLU B 446 46.36 6.51 26.48
C GLU B 446 47.68 5.72 26.47
N SER B 447 48.14 5.25 27.63
CA SER B 447 49.36 4.43 27.67
C SER B 447 49.21 3.11 26.90
N GLN B 448 48.01 2.52 26.94
CA GLN B 448 47.71 1.26 26.25
C GLN B 448 47.37 1.40 24.76
N ILE B 449 47.08 2.64 24.34
CA ILE B 449 46.48 2.89 23.02
C ILE B 449 47.35 2.39 21.86
N SER B 450 48.66 2.60 21.96
CA SER B 450 49.57 2.23 20.87
C SER B 450 49.62 0.73 20.60
N GLU B 451 49.76 -0.06 21.65
CA GLU B 451 49.76 -1.51 21.52
C GLU B 451 48.36 -2.02 21.11
N LEU B 452 47.29 -1.49 21.71
CA LEU B 452 45.94 -1.94 21.35
C LEU B 452 45.50 -1.63 19.92
N ALA B 453 45.90 -0.47 19.41
CA ALA B 453 45.58 -0.08 18.03
C ALA B 453 46.36 -0.81 16.93
N SER B 454 47.53 -1.34 17.26
CA SER B 454 48.41 -1.89 16.22
C SER B 454 47.97 -3.23 15.61
N GLU B 455 48.59 -3.59 14.48
CA GLU B 455 48.08 -4.62 13.58
C GLU B 455 47.88 -6.00 14.22
N GLU B 456 48.74 -6.33 15.18
CA GLU B 456 48.60 -7.59 15.92
C GLU B 456 47.20 -7.68 16.52
N ASN B 457 46.67 -6.53 16.95
CA ASN B 457 45.37 -6.46 17.60
C ASN B 457 44.27 -5.79 16.75
N MSE B 458 44.64 -4.83 15.93
CA MSE B 458 43.67 -4.03 15.17
C MSE B 458 44.21 -3.61 13.81
O MSE B 458 45.23 -2.96 13.75
CB MSE B 458 43.36 -2.73 15.90
CG MSE B 458 42.11 -2.70 16.72
SE MSE B 458 41.77 -0.85 17.23
CE MSE B 458 41.03 -0.23 15.55
N ASN B 459 43.49 -3.92 12.75
CA ASN B 459 43.93 -3.58 11.41
C ASN B 459 42.97 -2.62 10.71
N THR B 460 43.41 -1.39 10.47
CA THR B 460 42.49 -0.32 10.03
C THR B 460 42.90 0.32 8.72
N VAL B 461 41.98 0.36 7.77
CA VAL B 461 42.18 0.92 6.42
C VAL B 461 41.25 2.09 6.10
N PRO B 462 41.84 3.27 5.81
CA PRO B 462 41.01 4.43 5.45
C PRO B 462 40.80 4.60 3.95
N VAL B 463 39.75 5.35 3.61
CA VAL B 463 39.43 5.72 2.23
C VAL B 463 38.96 7.18 2.16
N TYR B 464 39.43 7.90 1.14
CA TYR B 464 39.06 9.29 0.90
C TYR B 464 38.12 9.33 -0.30
N MSE B 465 37.06 10.13 -0.21
CA MSE B 465 36.04 10.21 -1.27
C MSE B 465 35.59 11.63 -1.55
O MSE B 465 34.74 12.16 -0.83
CB MSE B 465 34.79 9.40 -0.87
CG MSE B 465 34.97 7.92 -0.66
SE MSE B 465 33.23 7.19 -0.18
CE MSE B 465 33.76 5.38 0.24
N PRO B 466 36.11 12.25 -2.61
CA PRO B 466 35.75 13.63 -2.95
C PRO B 466 34.25 13.87 -2.99
N TYR B 467 33.48 12.88 -3.39
CA TYR B 467 32.10 13.10 -3.75
C TYR B 467 30.99 12.47 -2.87
N ILE B 468 31.33 11.98 -1.68
CA ILE B 468 30.34 11.29 -0.85
C ILE B 468 29.17 12.19 -0.43
N THR B 469 29.38 13.50 -0.38
CA THR B 469 28.33 14.43 0.03
C THR B 469 27.62 15.11 -1.13
N SER B 470 27.91 14.66 -2.34
CA SER B 470 27.48 15.35 -3.54
C SER B 470 25.96 15.40 -3.72
N TYR B 471 25.24 14.33 -3.36
CA TYR B 471 23.80 14.28 -3.57
C TYR B 471 23.09 15.43 -2.90
N PHE B 472 23.60 15.85 -1.74
CA PHE B 472 22.89 16.80 -0.88
C PHE B 472 23.21 18.26 -1.16
N MSE B 473 24.04 18.50 -2.18
CA MSE B 473 24.36 19.85 -2.61
C MSE B 473 23.07 20.60 -2.95
O MSE B 473 22.17 20.04 -3.57
CB MSE B 473 25.31 19.81 -3.80
CG MSE B 473 26.69 19.31 -3.40
SE MSE B 473 27.28 20.33 -1.86
CE MSE B 473 28.48 19.05 -1.04
N PRO B 474 22.94 21.87 -2.50
CA PRO B 474 21.69 22.61 -2.69
C PRO B 474 21.47 22.83 -4.18
N ARG B 475 20.23 22.96 -4.61
CA ARG B 475 19.90 22.96 -6.03
C ARG B 475 18.81 23.96 -6.39
N ARG B 476 18.64 24.19 -7.67
CA ARG B 476 17.68 25.14 -8.18
C ARG B 476 16.86 24.47 -9.29
N ASP B 477 15.68 24.99 -9.62
CA ASP B 477 14.88 24.34 -10.67
C ASP B 477 15.61 24.32 -12.01
N GLY B 478 15.65 23.14 -12.59
CA GLY B 478 16.38 22.90 -13.81
C GLY B 478 17.79 22.42 -13.53
N ASP B 479 18.21 22.54 -12.28
CA ASP B 479 19.53 22.03 -11.89
C ASP B 479 19.57 20.52 -12.02
N ARG B 480 18.49 19.85 -11.65
CA ARG B 480 18.40 18.41 -11.86
C ARG B 480 17.49 18.10 -13.04
N PRO B 481 17.98 17.28 -13.99
CA PRO B 481 17.22 17.02 -15.21
C PRO B 481 16.14 15.97 -15.00
N ASP B 482 14.96 16.25 -15.52
CA ASP B 482 13.83 15.34 -15.39
C ASP B 482 14.20 13.95 -15.93
N VAL B 483 13.73 12.90 -15.26
CA VAL B 483 14.02 11.51 -15.65
C VAL B 483 13.67 11.27 -17.12
N VAL B 484 12.54 11.83 -17.56
CA VAL B 484 12.25 11.94 -18.98
C VAL B 484 12.14 13.41 -19.31
N PRO B 485 13.16 13.96 -19.99
CA PRO B 485 13.10 15.38 -20.33
C PRO B 485 11.96 15.63 -21.32
N GLU B 486 11.38 16.82 -21.26
CA GLU B 486 10.21 17.15 -22.06
C GLU B 486 10.60 17.01 -23.52
N GLY B 487 10.02 16.01 -24.21
CA GLY B 487 10.37 15.74 -25.59
C GLY B 487 11.37 14.63 -25.90
N SER B 488 11.98 14.03 -24.88
CA SER B 488 12.96 12.94 -25.07
C SER B 488 12.35 11.66 -25.69
N ILE B 489 13.15 10.88 -26.44
CA ILE B 489 12.61 9.70 -27.13
C ILE B 489 13.24 8.31 -26.85
N ASN B 490 14.55 8.22 -26.64
CA ASN B 490 15.14 6.94 -26.23
C ASN B 490 16.22 7.12 -25.15
N LEU B 491 16.19 8.28 -24.50
CA LEU B 491 17.21 8.63 -23.51
C LEU B 491 16.67 8.98 -22.12
N ALA B 492 17.21 8.33 -21.11
CA ALA B 492 16.84 8.64 -19.73
C ALA B 492 18.03 8.61 -18.78
N PHE B 493 17.97 9.48 -17.77
CA PHE B 493 18.94 9.48 -16.69
C PHE B 493 18.33 8.82 -15.47
N ILE B 494 19.11 7.95 -14.84
CA ILE B 494 18.68 7.21 -13.67
C ILE B 494 19.73 7.32 -12.56
N GLY B 495 19.28 7.25 -11.31
CA GLY B 495 20.19 7.35 -10.19
C GLY B 495 19.89 8.55 -9.34
N ASN B 496 20.71 8.76 -8.31
CA ASN B 496 20.44 9.76 -7.29
C ASN B 496 20.78 11.21 -7.67
N PHE B 497 21.18 11.43 -8.92
CA PHE B 497 21.32 12.79 -9.43
C PHE B 497 20.25 13.14 -10.47
N ALA B 498 19.37 12.18 -10.77
CA ALA B 498 18.27 12.40 -11.69
C ALA B 498 17.07 13.00 -10.96
N GLU B 499 16.20 13.70 -11.69
CA GLU B 499 15.03 14.32 -11.07
C GLU B 499 13.74 13.53 -11.32
N SER B 500 13.38 12.70 -10.34
CA SER B 500 12.07 12.07 -10.34
C SER B 500 11.05 13.16 -10.10
N PRO B 501 9.87 13.06 -10.74
CA PRO B 501 8.82 14.06 -10.55
C PRO B 501 8.14 13.92 -9.19
N THR B 502 8.54 12.93 -8.42
CA THR B 502 8.05 12.78 -7.05
C THR B 502 8.88 13.58 -6.05
N ARG B 503 8.44 13.55 -4.80
CA ARG B 503 9.09 14.24 -3.71
C ARG B 503 10.08 13.30 -3.03
N ASP B 504 10.46 12.22 -3.71
CA ASP B 504 11.31 11.22 -3.10
C ASP B 504 12.72 11.73 -2.73
N THR B 505 13.40 10.97 -1.88
CA THR B 505 14.63 11.43 -1.24
C THR B 505 15.90 10.75 -1.79
N VAL B 506 16.92 11.55 -2.10
CA VAL B 506 18.18 10.98 -2.58
C VAL B 506 19.10 10.55 -1.43
N PHE B 507 20.26 10.00 -1.78
CA PHE B 507 21.12 9.24 -0.87
C PHE B 507 20.36 8.00 -0.35
N THR B 508 19.38 7.54 -1.12
CA THR B 508 18.70 6.27 -0.85
C THR B 508 18.70 5.37 -2.08
N THR B 509 18.83 4.08 -1.84
CA THR B 509 18.72 3.08 -2.89
C THR B 509 17.31 3.07 -3.50
N GLU B 510 16.32 3.41 -2.67
CA GLU B 510 14.95 3.46 -3.12
C GLU B 510 14.81 4.45 -4.27
N TYR B 511 15.51 5.58 -4.19
CA TYR B 511 15.50 6.56 -5.27
C TYR B 511 16.06 5.98 -6.56
N SER B 512 17.12 5.20 -6.45
CA SER B 512 17.72 4.60 -7.62
C SER B 512 16.73 3.66 -8.29
N VAL B 513 16.11 2.80 -7.48
CA VAL B 513 15.13 1.86 -8.04
C VAL B 513 13.95 2.61 -8.66
N ARG B 514 13.51 3.69 -8.01
CA ARG B 514 12.39 4.48 -8.51
C ARG B 514 12.72 5.11 -9.85
N THR B 515 13.93 5.63 -9.98
CA THR B 515 14.30 6.25 -11.24
C THR B 515 14.31 5.20 -12.33
N ALA B 516 14.88 4.03 -12.02
CA ALA B 516 14.89 2.96 -13.02
C ALA B 516 13.46 2.61 -13.45
N MSE B 517 12.55 2.50 -12.48
CA MSE B 517 11.17 2.15 -12.77
C MSE B 517 10.45 3.19 -13.62
O MSE B 517 9.82 2.85 -14.62
CB MSE B 517 10.38 1.92 -11.47
CG MSE B 517 9.02 1.29 -11.70
SE MSE B 517 7.96 0.95 -10.08
CE MSE B 517 9.03 -0.40 -9.25
N GLU B 518 10.52 4.45 -13.20
CA GLU B 518 9.86 5.53 -13.90
C GLU B 518 10.40 5.62 -15.34
N ALA B 519 11.71 5.46 -15.48
CA ALA B 519 12.33 5.53 -16.79
C ALA B 519 11.85 4.39 -17.69
N VAL B 520 11.91 3.16 -17.20
CA VAL B 520 11.50 2.01 -17.99
C VAL B 520 10.02 2.07 -18.36
N TYR B 521 9.18 2.38 -17.38
CA TYR B 521 7.73 2.42 -17.58
C TYR B 521 7.35 3.52 -18.57
N THR B 522 8.00 4.68 -18.45
CA THR B 522 7.72 5.80 -19.36
C THR B 522 8.17 5.51 -20.78
N LEU B 523 9.44 5.10 -20.93
CA LEU B 523 10.01 4.90 -22.25
C LEU B 523 9.42 3.69 -22.97
N LEU B 524 9.25 2.60 -22.25
CA LEU B 524 8.78 1.37 -22.85
C LEU B 524 7.27 1.16 -22.70
N ASN B 525 6.59 2.22 -22.23
CA ASN B 525 5.13 2.23 -22.15
C ASN B 525 4.54 1.03 -21.40
N VAL B 526 5.06 0.78 -20.20
CA VAL B 526 4.58 -0.31 -19.37
C VAL B 526 3.29 0.10 -18.64
N ASP B 527 2.20 -0.61 -18.90
CA ASP B 527 0.88 -0.25 -18.37
C ASP B 527 0.62 -0.84 -16.99
N ARG B 528 1.27 -0.26 -15.98
CA ARG B 528 1.11 -0.61 -14.58
C ARG B 528 1.51 0.58 -13.73
N GLY B 529 0.88 0.73 -12.58
CA GLY B 529 1.22 1.83 -11.68
C GLY B 529 2.63 1.72 -11.12
N VAL B 530 3.27 2.88 -11.00
CA VAL B 530 4.50 3.02 -10.23
C VAL B 530 4.00 3.49 -8.89
N PRO B 531 4.45 2.84 -7.80
CA PRO B 531 3.96 3.30 -6.50
C PRO B 531 4.37 4.74 -6.23
N GLU B 532 3.44 5.56 -5.74
CA GLU B 532 3.75 6.93 -5.34
C GLU B 532 4.65 6.81 -4.12
N VAL B 533 5.35 7.90 -3.78
CA VAL B 533 6.14 7.88 -2.56
C VAL B 533 5.15 7.61 -1.43
N PHE B 534 5.49 6.71 -0.50
CA PHE B 534 4.54 6.31 0.54
C PHE B 534 3.98 7.52 1.27
N ASP B 535 2.65 7.57 1.38
CA ASP B 535 1.98 8.83 1.72
C ASP B 535 1.82 9.12 3.21
N SER B 536 2.83 8.75 4.00
CA SER B 536 2.74 8.95 5.45
C SER B 536 2.55 10.42 5.82
N ILE B 537 3.15 11.34 5.07
CA ILE B 537 3.03 12.76 5.40
C ILE B 537 1.59 13.27 5.19
N TYR B 538 0.78 12.53 4.43
CA TYR B 538 -0.61 12.94 4.21
C TYR B 538 -1.58 12.18 5.10
N ASP B 539 -1.04 11.22 5.86
CA ASP B 539 -1.83 10.44 6.79
C ASP B 539 -1.92 11.22 8.09
N ILE B 540 -3.13 11.69 8.43
CA ILE B 540 -3.31 12.52 9.62
C ILE B 540 -2.83 11.82 10.91
N ARG B 541 -3.00 10.50 10.95
CA ARG B 541 -2.53 9.69 12.08
C ARG B 541 -1.02 9.85 12.24
N GLN B 542 -0.30 9.88 11.12
CA GLN B 542 1.15 10.08 11.15
C GLN B 542 1.55 11.49 11.58
N LEU B 543 0.77 12.48 11.17
CA LEU B 543 1.02 13.86 11.59
C LEU B 543 0.86 13.99 13.12
N LEU B 544 -0.22 13.41 13.63
CA LEU B 544 -0.45 13.44 15.06
C LEU B 544 0.65 12.68 15.80
N ARG B 545 0.95 11.48 15.32
CA ARG B 545 1.97 10.62 15.93
C ARG B 545 3.33 11.33 15.99
N ALA B 546 3.67 12.00 14.90
CA ALA B 546 4.90 12.77 14.82
C ALA B 546 4.92 13.92 15.82
N MSE B 547 3.81 14.64 15.95
CA MSE B 547 3.78 15.70 16.97
C MSE B 547 4.03 15.11 18.36
O MSE B 547 4.70 15.73 19.21
CB MSE B 547 2.46 16.46 16.94
CG MSE B 547 2.23 17.26 15.67
SE MSE B 547 0.39 17.89 15.58
CE MSE B 547 0.45 19.06 17.10
N TYR B 548 3.46 13.93 18.60
CA TYR B 548 3.65 13.26 19.89
C TYR B 548 5.13 12.89 20.15
N TYR B 549 5.72 12.13 19.24
CA TYR B 549 7.12 11.71 19.43
C TYR B 549 8.20 12.81 19.32
N MSE B 550 7.99 13.76 18.42
CA MSE B 550 8.92 14.89 18.24
C MSE B 550 9.05 15.70 19.53
O MSE B 550 10.11 16.23 19.83
CB MSE B 550 8.40 15.83 17.14
CG MSE B 550 9.46 16.28 16.15
SE MSE B 550 8.78 17.72 15.03
CE MSE B 550 6.89 17.49 15.40
N SER B 551 7.96 15.78 20.27
CA SER B 551 7.92 16.55 21.51
C SER B 551 8.46 15.75 22.69
N ASP B 552 9.03 14.59 22.40
CA ASP B 552 9.42 13.64 23.44
C ASP B 552 8.20 13.20 24.28
N LYS B 553 7.14 12.81 23.57
CA LYS B 553 5.93 12.22 24.17
C LYS B 553 5.16 13.12 25.12
N LYS B 554 4.95 14.38 24.72
CA LYS B 554 4.18 15.31 25.51
C LYS B 554 2.78 15.42 24.92
N LYS B 555 1.78 15.49 25.79
CA LYS B 555 0.42 15.77 25.33
C LYS B 555 0.43 17.11 24.63
N LEU B 556 -0.49 17.29 23.69
CA LEU B 556 -0.56 18.50 22.89
C LEU B 556 -0.64 19.76 23.74
N ALA B 557 -1.37 19.69 24.84
CA ALA B 557 -1.55 20.82 25.75
C ALA B 557 -0.25 21.23 26.43
N ASP B 558 0.65 20.27 26.60
CA ASP B 558 1.91 20.49 27.33
C ASP B 558 3.10 20.86 26.43
N GLN B 559 2.91 20.79 25.12
CA GLN B 559 3.98 21.08 24.17
C GLN B 559 4.42 22.55 24.11
N ASP B 560 5.70 22.77 23.86
CA ASP B 560 6.27 24.12 23.83
C ASP B 560 5.92 24.87 22.56
N MSE B 561 5.08 25.89 22.69
CA MSE B 561 4.69 26.71 21.54
C MSE B 561 4.27 28.08 22.07
O MSE B 561 3.89 28.19 23.25
CB MSE B 561 3.55 26.05 20.75
CG MSE B 561 2.19 26.09 21.45
SE MSE B 561 0.83 25.06 20.53
CE MSE B 561 1.65 23.30 20.67
N PRO B 562 4.34 29.12 21.23
CA PRO B 562 3.90 30.48 21.56
C PRO B 562 2.50 30.52 22.18
N LEU B 563 2.27 31.51 23.04
CA LEU B 563 1.07 31.59 23.86
C LEU B 563 -0.25 31.69 23.08
N PRO B 564 -0.28 32.49 21.99
CA PRO B 564 -1.52 32.51 21.21
C PRO B 564 -1.77 31.15 20.58
N GLU B 565 -0.73 30.47 20.15
CA GLU B 565 -0.88 29.13 19.59
C GLU B 565 -1.40 28.13 20.63
N LYS B 566 -0.90 28.25 21.85
CA LYS B 566 -1.32 27.37 22.92
C LYS B 566 -2.79 27.62 23.19
N LEU B 567 -3.20 28.89 23.22
CA LEU B 567 -4.60 29.22 23.46
C LEU B 567 -5.48 28.66 22.35
N ALA B 568 -5.03 28.84 21.12
CA ALA B 568 -5.77 28.39 19.95
C ALA B 568 -5.99 26.89 20.04
N VAL B 569 -4.94 26.18 20.45
CA VAL B 569 -5.02 24.74 20.61
C VAL B 569 -6.02 24.38 21.70
N LYS B 570 -6.02 25.14 22.80
CA LYS B 570 -6.95 24.86 23.91
C LYS B 570 -8.39 25.00 23.41
N THR B 571 -8.64 26.05 22.61
CA THR B 571 -9.96 26.29 22.03
C THR B 571 -10.36 25.17 21.07
N GLY B 572 -9.41 24.75 20.24
CA GLY B 572 -9.65 23.71 19.25
C GLY B 572 -10.04 22.41 19.93
N MSE B 573 -9.27 22.02 20.95
CA MSE B 573 -9.58 20.81 21.70
C MSE B 573 -10.90 20.92 22.46
O MSE B 573 -11.59 19.92 22.64
CB MSE B 573 -8.44 20.46 22.67
CG MSE B 573 -7.29 19.75 21.98
SE MSE B 573 -5.70 19.75 23.07
CE MSE B 573 -6.49 19.13 24.73
N ARG B 574 -11.24 22.13 22.90
CA ARG B 574 -12.56 22.36 23.49
C ARG B 574 -13.66 22.06 22.49
N LYS B 575 -13.53 22.60 21.29
CA LYS B 575 -14.55 22.46 20.24
C LYS B 575 -14.79 21.02 19.77
N ILE B 576 -13.71 20.26 19.62
CA ILE B 576 -13.78 18.93 19.03
C ILE B 576 -14.03 17.84 20.07
N LYS B 577 -14.52 18.24 21.25
CA LYS B 577 -14.77 17.29 22.34
C LYS B 577 -15.79 16.21 21.92
N LYS B 578 -15.52 14.96 22.29
CA LYS B 578 -16.38 13.83 21.94
C LYS B 578 -16.60 13.70 20.43
N THR B 579 -15.54 13.91 19.67
CA THR B 579 -15.64 13.90 18.20
C THR B 579 -14.61 12.92 17.63
N TRP B 580 -14.69 12.64 16.32
CA TRP B 580 -13.77 11.71 15.67
C TRP B 580 -12.35 12.25 15.77
N VAL B 581 -12.22 13.58 15.67
CA VAL B 581 -10.92 14.21 15.82
C VAL B 581 -10.36 13.97 17.23
N GLU B 582 -11.22 14.04 18.24
CA GLU B 582 -10.78 13.74 19.62
C GLU B 582 -10.28 12.32 19.73
N GLU B 583 -10.97 11.41 19.05
CA GLU B 583 -10.57 10.01 19.05
C GLU B 583 -9.20 9.85 18.40
N LEU B 584 -8.97 10.60 17.34
CA LEU B 584 -7.69 10.55 16.64
C LEU B 584 -6.58 11.09 17.55
N LEU B 585 -6.90 12.15 18.29
CA LEU B 585 -5.93 12.72 19.23
C LEU B 585 -5.62 11.76 20.36
N LYS B 586 -6.65 11.06 20.84
CA LYS B 586 -6.50 10.07 21.91
C LYS B 586 -5.63 8.93 21.43
N GLU B 587 -5.85 8.51 20.20
CA GLU B 587 -5.09 7.41 19.60
C GLU B 587 -3.60 7.77 19.53
N ALA B 588 -3.31 9.04 19.26
CA ALA B 588 -1.92 9.49 19.13
C ALA B 588 -1.29 9.84 20.47
N ASN B 589 -2.07 9.72 21.55
CA ASN B 589 -1.67 10.06 22.92
C ASN B 589 -1.40 11.54 23.12
N LEU B 590 -2.08 12.36 22.31
CA LEU B 590 -1.99 13.81 22.44
C LEU B 590 -2.99 14.37 23.45
N VAL B 591 -3.90 13.52 23.91
CA VAL B 591 -4.77 13.87 25.05
C VAL B 591 -4.96 12.64 25.93
O1 MES C . -6.75 -2.21 16.58
C2 MES C . -5.61 -2.26 15.71
C3 MES C . -5.61 -1.10 14.72
N4 MES C . -6.92 -1.04 14.06
C5 MES C . -8.11 -1.03 14.91
C6 MES C . -7.97 -2.22 15.85
C7 MES C . -7.00 -0.34 12.79
C8 MES C . -7.54 -1.35 11.79
S MES C . -8.11 -0.59 10.42
O1S MES C . -7.82 -1.41 9.22
O2S MES C . -7.49 0.75 10.25
O3S MES C . -9.57 -0.44 10.58
K K D . -1.41 2.77 2.75
K K E . -21.53 -2.84 -24.82
C1 MPD F . -17.44 -2.05 -4.55
C2 MPD F . -18.70 -1.44 -3.94
O2 MPD F . -19.87 -2.17 -4.37
CM MPD F . -18.63 -1.55 -2.42
C3 MPD F . -18.87 0.00 -4.40
C4 MPD F . -17.62 0.85 -4.26
O4 MPD F . -17.26 1.35 -5.51
C5 MPD F . -17.89 2.04 -3.39
C1 MPD G . -27.38 -3.48 -4.60
C2 MPD G . -28.54 -3.60 -5.58
O2 MPD G . -28.44 -2.49 -6.52
CM MPD G . -28.44 -4.90 -6.36
C3 MPD G . -29.88 -3.54 -4.84
C4 MPD G . -30.86 -2.48 -5.34
O4 MPD G . -31.00 -2.60 -6.75
C5 MPD G . -32.23 -2.63 -4.70
C1 MPD H . -0.06 0.17 10.74
C2 MPD H . -1.00 1.23 11.30
O2 MPD H . -1.27 2.19 10.25
CM MPD H . -2.31 0.57 11.73
C3 MPD H . -0.34 1.97 12.47
C4 MPD H . -1.30 2.89 13.23
O4 MPD H . -1.12 2.72 14.62
C5 MPD H . -1.09 4.35 12.88
NA NA I . 20.66 -14.04 -0.61
O1 MES J . 46.68 12.60 31.50
C2 MES J . 47.68 11.88 32.22
C3 MES J . 47.32 10.41 32.48
N4 MES J . 46.92 9.85 31.19
C5 MES J . 46.05 10.60 30.29
C6 MES J . 45.56 11.81 31.07
C7 MES J . 47.30 8.48 30.83
C8 MES J . 46.93 7.51 31.95
S MES J . 47.75 6.08 31.63
O1S MES J . 47.49 5.05 32.66
O2S MES J . 49.20 6.32 31.57
O3S MES J . 47.28 5.60 30.31
P PO4 K . 4.39 11.61 -5.07
O1 PO4 K . 3.72 11.74 -6.43
O2 PO4 K . 3.33 11.78 -4.00
O3 PO4 K . 5.01 10.24 -4.95
O4 PO4 K . 5.43 12.68 -4.90
C1 MPD L . 28.93 9.17 10.02
C2 MPD L . 28.52 10.14 8.92
O2 MPD L . 27.63 11.14 9.47
CM MPD L . 29.78 10.86 8.43
C3 MPD L . 27.83 9.44 7.75
C4 MPD L . 26.92 8.26 8.10
O4 MPD L . 26.06 8.56 9.17
C5 MPD L . 26.09 7.87 6.89
C1 MPD M . 16.81 4.09 4.93
C2 MPD M . 16.65 5.34 5.77
O2 MPD M . 17.90 5.61 6.45
CM MPD M . 16.40 6.52 4.85
C3 MPD M . 15.50 5.13 6.75
C4 MPD M . 15.11 6.39 7.50
O4 MPD M . 13.83 6.26 8.11
C5 MPD M . 16.07 6.64 8.64
C1 GOL N . 25.41 4.97 -3.49
O1 GOL N . 25.85 3.92 -2.64
C2 GOL N . 23.96 4.74 -3.91
O2 GOL N . 23.07 5.08 -2.86
C3 GOL N . 23.77 3.28 -4.35
O3 GOL N . 22.54 3.15 -5.03
C1 GOL O . 32.78 15.92 35.15
O1 GOL O . 33.70 15.39 36.08
C2 GOL O . 32.40 14.83 34.15
O2 GOL O . 33.55 14.11 33.78
C3 GOL O . 31.39 13.89 34.80
O3 GOL O . 30.53 13.38 33.81
C1 GOL P . 46.61 15.88 -0.90
O1 GOL P . 47.33 14.67 -0.80
C2 GOL P . 46.70 16.44 -2.33
O2 GOL P . 46.78 15.43 -3.32
C3 GOL P . 45.52 17.35 -2.62
O3 GOL P . 45.40 18.34 -1.62
#